data_4QU4
#
_entry.id   4QU4
#
_cell.length_a   133.516
_cell.length_b   133.516
_cell.length_c   190.949
_cell.angle_alpha   90.00
_cell.angle_beta   90.00
_cell.angle_gamma   120.00
#
_symmetry.space_group_name_H-M   'P 31 2 1'
#
loop_
_entity.id
_entity.type
_entity.pdbx_description
1 polymer 'ATP-dependent RNA helicase DOB1'
2 non-polymer 'PHOSPHATE ION'
#
_entity_poly.entity_id   1
_entity_poly.type   'polypeptide(L)'
_entity_poly.pdbx_seq_one_letter_code
;MHHHHHHGKPIPNPLLGLDSTENLYFQGIDPFTEFMDSTDLFDVFEETPVELPTDSNGEKNADTNVGDTPDHTQDKKHGL
EEEKEEHEENNSENKKIKSNKSKTEDKNKKVVVPVLADSFEQEASREVDASKGLTNSETLQVEQDGKVRLSHQVRHQVAL
PPNYDYTPIAEHKRVNEARTYPFTLDPFQDTAISCIDRGESVLVSAHTSAGKTVVAEYAIAQSLKNKQRVIYTSPIKALS
NQKYRELLAEFGDVGLMTGDITINPDAGCLVMTTEILRSMLYRGSEVMREVAWVIFDEVHYMRDKERGVVWEETIILLPD
KVRYVFLSATIPNAMEFAEWICKIHSQPCHIVYTNFRPTPLQHYLFPAHGDGIYLVVDEKSTFREENFQKAMASISNQIG
DDPNSTDSRGKKGQTYKGGSAKGDAKGDIYKIVKMIWKKKYNPVIVFSFSKRDCEELALKMSKLDFNSDDEKEALTKIFN
NAIALLPETDRELPQIKHILPLLRRGIGIHHSGLLPILKEVIEILFQEGFLKVLFATETFSIGLNMPAKTVVFTSVRKWD
GQQFRWVSGGEYIQMSGRAGRRGLDDRGIVIMMIDEKMEPQVAKGMVKGQADRLDSAFHLGYNMILNLMRVEGISPEFML
EHSFFQFQNVISVPVMEKKLAELKKDFDGIEVEDEENVKEYHEIEQAIKGYREDVRQVVTHPANALSFLQPGRLVEISVN
GKDNYGWGAVVDFAKRINKRNPSAVYTDHESYIVNVVVNTMYIDSPVNLLKPFNPTLPEGIRPAEEGEKSICAVIPITLD
SIKSIGNLRLYMPKDIRASGQKETVGKSLREVNRRFPDGIPVLDPVKNMKIEDEDFLKLMKKIDVLNTKLSSNPLTNSMR
LEELYGKYSRKHDLHEDMKQLKRKISESQAVIQLDDLRRRKRVLRRLGFCTPNDIIELKGRVACEISSGDELLLTELIFN
GNFNELKPEQAAALLSCFAFQERCKEAPRLKPELAEPLKAMREIAAKIAKIMKDSKIEVVEKDYVESFRHELMEVVYEWC
RGATFTQICKMTDVYEGSLIRMFKRLEELVKELVDVANTIGNSSLKEKMEAVLKLIHRDIVSAGSLYL
;
_entity_poly.pdbx_strand_id   A
#
loop_
_chem_comp.id
_chem_comp.type
_chem_comp.name
_chem_comp.formula
PO4 non-polymer 'PHOSPHATE ION' 'O4 P -3'
#
# COMPACT_ATOMS: atom_id res chain seq x y z
N PRO A 114 -31.25 5.06 -5.13
CA PRO A 114 -30.99 6.50 -5.10
C PRO A 114 -30.74 7.12 -6.50
N VAL A 115 -30.63 8.44 -6.52
CA VAL A 115 -30.71 9.24 -7.75
C VAL A 115 -29.59 10.29 -7.85
N LEU A 116 -29.03 10.50 -9.03
CA LEU A 116 -27.95 11.47 -9.22
C LEU A 116 -28.43 12.73 -9.94
N ALA A 117 -28.06 13.88 -9.41
CA ALA A 117 -28.47 15.13 -10.04
C ALA A 117 -27.61 16.31 -9.61
N ASP A 118 -27.95 17.48 -10.14
CA ASP A 118 -27.27 18.75 -9.90
C ASP A 118 -25.77 18.68 -10.20
N SER A 119 -25.44 18.28 -11.43
CA SER A 119 -24.04 18.17 -11.80
C SER A 119 -23.54 19.43 -12.51
N PHE A 120 -22.34 19.89 -12.15
CA PHE A 120 -21.75 21.04 -12.82
C PHE A 120 -20.26 21.21 -12.54
N GLU A 121 -19.55 21.74 -13.51
CA GLU A 121 -18.16 22.13 -13.31
C GLU A 121 -18.09 23.65 -13.28
N GLN A 122 -17.17 24.18 -12.48
CA GLN A 122 -16.88 25.62 -12.50
C GLN A 122 -15.38 25.87 -12.70
N GLU A 123 -15.06 26.91 -13.45
CA GLU A 123 -13.66 27.30 -13.60
C GLU A 123 -13.30 28.33 -12.53
N ALA A 124 -12.06 28.31 -12.09
CA ALA A 124 -11.51 29.37 -11.24
C ALA A 124 -10.01 29.54 -11.53
N SER A 125 -9.53 30.78 -11.43
CA SER A 125 -8.15 31.13 -11.76
C SER A 125 -7.55 32.14 -10.77
N ARG A 126 -6.25 31.99 -10.49
CA ARG A 126 -5.55 32.83 -9.51
C ARG A 126 -4.31 33.50 -10.12
N GLU A 127 -3.70 34.41 -9.35
CA GLU A 127 -2.49 35.09 -9.81
C GLU A 127 -1.36 35.00 -8.79
N VAL A 128 -0.14 34.83 -9.30
CA VAL A 128 1.02 34.69 -8.43
C VAL A 128 2.13 35.66 -8.86
N ALA A 130 4.95 35.72 -10.86
CA ALA A 130 5.68 35.10 -11.97
C ALA A 130 7.01 34.55 -11.49
N SER A 131 7.42 33.41 -12.04
CA SER A 131 8.73 32.89 -11.70
C SER A 131 9.40 32.21 -12.87
N LYS A 132 10.73 32.24 -12.83
CA LYS A 132 11.54 31.53 -13.78
C LYS A 132 11.96 30.21 -13.13
N GLY A 133 12.00 30.22 -11.80
CA GLY A 133 12.40 29.05 -11.06
C GLY A 133 13.80 28.57 -11.36
N LEU A 134 13.91 27.29 -11.69
CA LEU A 134 15.20 26.65 -11.84
C LEU A 134 15.69 26.59 -13.29
N THR A 135 14.97 27.27 -14.18
CA THR A 135 15.34 27.29 -15.60
C THR A 135 16.13 28.54 -15.98
N ASN A 136 16.20 28.80 -17.28
CA ASN A 136 16.79 30.02 -17.83
C ASN A 136 15.71 31.01 -18.25
N SER A 137 14.54 30.50 -18.62
CA SER A 137 13.44 31.35 -19.08
C SER A 137 12.36 31.45 -18.00
N GLU A 138 11.52 32.49 -18.13
CA GLU A 138 10.32 32.63 -17.31
C GLU A 138 9.35 31.54 -17.72
N THR A 139 8.81 30.85 -16.71
CA THR A 139 8.05 29.61 -16.90
C THR A 139 6.77 29.79 -17.71
N LEU A 140 6.04 30.87 -17.43
CA LEU A 140 4.75 31.12 -18.08
C LEU A 140 4.74 32.46 -18.81
N GLN A 141 3.85 32.59 -19.80
CA GLN A 141 3.73 33.85 -20.56
C GLN A 141 3.18 34.90 -19.63
N VAL A 142 3.90 36.01 -19.47
CA VAL A 142 3.72 36.84 -18.28
C VAL A 142 2.58 37.87 -18.36
N GLU A 143 1.93 38.09 -17.22
CA GLU A 143 1.03 39.22 -17.00
C GLU A 143 1.84 40.49 -16.70
N GLN A 144 1.24 41.65 -16.98
CA GLN A 144 1.91 42.94 -16.86
C GLN A 144 2.39 43.30 -15.44
N ASP A 145 1.66 42.84 -14.43
CA ASP A 145 2.01 43.14 -13.03
C ASP A 145 3.29 42.42 -12.60
N GLY A 146 3.63 41.36 -13.33
CA GLY A 146 4.73 40.50 -12.95
C GLY A 146 4.14 39.30 -12.25
N LYS A 147 2.83 39.13 -12.42
CA LYS A 147 2.13 38.00 -11.82
C LYS A 147 1.76 37.00 -12.93
N VAL A 148 1.20 35.86 -12.55
CA VAL A 148 0.81 34.87 -13.54
C VAL A 148 -0.61 34.37 -13.31
N ARG A 149 -1.41 34.40 -14.38
CA ARG A 149 -2.79 33.95 -14.31
C ARG A 149 -2.87 32.42 -14.46
N LEU A 150 -3.18 31.72 -13.35
CA LEU A 150 -3.35 30.26 -13.31
C LEU A 150 -4.75 29.82 -12.89
N SER A 151 -5.34 28.91 -13.66
CA SER A 151 -6.66 28.40 -13.30
C SER A 151 -6.68 27.01 -12.67
N HIS A 152 -7.77 26.72 -11.97
CA HIS A 152 -8.08 25.35 -11.56
C HIS A 152 -9.58 25.10 -11.64
N GLN A 153 -9.98 23.85 -11.90
CA GLN A 153 -11.39 23.51 -11.97
C GLN A 153 -11.87 23.01 -10.60
N VAL A 154 -13.17 23.09 -10.36
CA VAL A 154 -13.82 22.58 -9.13
C VAL A 154 -15.18 21.95 -9.42
N ARG A 155 -15.29 20.63 -9.32
CA ARG A 155 -16.51 19.93 -9.74
C ARG A 155 -17.39 19.52 -8.55
N HIS A 156 -18.69 19.52 -8.80
CA HIS A 156 -19.69 19.12 -7.80
C HIS A 156 -20.84 18.36 -8.39
N GLN A 157 -21.32 17.38 -7.63
CA GLN A 157 -22.59 16.76 -7.94
C GLN A 157 -23.21 16.31 -6.64
N VAL A 158 -24.49 15.92 -6.67
CA VAL A 158 -25.11 15.43 -5.47
C VAL A 158 -25.80 14.10 -5.74
N ALA A 159 -25.75 13.21 -4.74
CA ALA A 159 -26.51 11.98 -4.72
C ALA A 159 -27.76 12.19 -3.87
N LEU A 160 -28.93 12.02 -4.48
CA LEU A 160 -30.20 12.30 -3.79
C LEU A 160 -31.06 11.04 -3.56
N PRO A 161 -31.81 11.03 -2.45
CA PRO A 161 -32.80 9.97 -2.23
C PRO A 161 -33.99 10.10 -3.18
N PRO A 162 -34.64 8.99 -3.52
CA PRO A 162 -35.79 8.99 -4.42
C PRO A 162 -36.89 9.97 -4.00
N ASN A 163 -37.27 10.85 -4.92
CA ASN A 163 -38.33 11.84 -4.71
C ASN A 163 -38.02 12.83 -3.58
N TYR A 164 -36.74 13.16 -3.42
CA TYR A 164 -36.32 14.17 -2.46
C TYR A 164 -36.51 15.56 -3.07
N ASP A 165 -37.14 16.47 -2.32
CA ASP A 165 -37.39 17.82 -2.81
C ASP A 165 -36.13 18.69 -2.81
N TYR A 166 -35.43 18.72 -3.93
CA TYR A 166 -34.13 19.36 -3.97
C TYR A 166 -34.12 20.73 -4.63
N THR A 167 -33.34 21.63 -4.05
CA THR A 167 -33.10 22.91 -4.67
C THR A 167 -31.64 22.98 -5.01
N PRO A 168 -31.34 23.19 -6.32
CA PRO A 168 -30.00 23.30 -6.90
C PRO A 168 -29.10 24.17 -6.06
N ILE A 169 -27.94 23.62 -5.70
CA ILE A 169 -27.07 24.25 -4.71
C ILE A 169 -26.49 25.56 -5.24
N ALA A 170 -26.51 25.71 -6.55
CA ALA A 170 -26.06 26.94 -7.18
C ALA A 170 -27.01 28.09 -6.87
N GLU A 171 -28.29 27.75 -6.83
CA GLU A 171 -29.35 28.72 -6.63
C GLU A 171 -29.42 29.19 -5.18
N HIS A 172 -28.69 28.52 -4.29
CA HIS A 172 -28.89 28.77 -2.86
C HIS A 172 -28.36 30.12 -2.40
N LYS A 173 -29.05 30.71 -1.44
CA LYS A 173 -28.55 31.90 -0.76
C LYS A 173 -28.61 31.71 0.76
N ARG A 174 -27.45 31.74 1.40
CA ARG A 174 -27.37 31.66 2.85
C ARG A 174 -27.85 32.95 3.47
N VAL A 175 -28.78 32.82 4.41
CA VAL A 175 -29.27 33.97 5.11
C VAL A 175 -28.34 34.34 6.25
N ASN A 176 -27.86 33.34 6.98
CA ASN A 176 -27.10 33.66 8.16
C ASN A 176 -25.76 32.99 8.15
N GLU A 177 -24.74 33.80 7.85
CA GLU A 177 -23.39 33.30 7.89
C GLU A 177 -23.15 32.81 9.32
N ALA A 178 -23.08 31.50 9.47
CA ALA A 178 -22.73 30.92 10.73
C ALA A 178 -21.40 31.51 11.10
N ARG A 179 -20.36 30.99 10.46
CA ARG A 179 -19.02 31.54 10.58
C ARG A 179 -18.72 32.48 9.39
N THR A 180 -18.02 33.57 9.68
CA THR A 180 -17.70 34.55 8.66
C THR A 180 -16.20 34.57 8.47
N TYR A 181 -15.75 34.85 7.25
CA TYR A 181 -14.31 34.83 6.98
C TYR A 181 -13.77 36.14 6.41
N PRO A 182 -12.50 36.49 6.76
CA PRO A 182 -11.81 37.70 6.30
C PRO A 182 -11.55 37.76 4.79
N PHE A 183 -11.04 36.67 4.22
CA PHE A 183 -10.71 36.58 2.79
C PHE A 183 -11.88 36.13 1.92
N THR A 184 -11.75 36.36 0.62
CA THR A 184 -12.74 35.82 -0.30
C THR A 184 -12.62 34.30 -0.35
N LEU A 185 -13.71 33.62 -0.04
CA LEU A 185 -13.70 32.16 -0.11
C LEU A 185 -13.60 31.71 -1.56
N ASP A 186 -13.12 30.47 -1.72
CA ASP A 186 -13.09 29.81 -3.01
C ASP A 186 -14.37 29.00 -3.20
N PRO A 187 -14.83 28.88 -4.46
CA PRO A 187 -15.98 28.05 -4.81
C PRO A 187 -15.88 26.59 -4.32
N PHE A 188 -14.67 26.01 -4.22
CA PHE A 188 -14.59 24.67 -3.64
C PHE A 188 -15.03 24.74 -2.18
N GLN A 189 -14.74 25.87 -1.53
CA GLN A 189 -15.16 26.07 -0.16
C GLN A 189 -16.61 26.50 -0.13
N ASP A 190 -16.92 27.52 -0.91
CA ASP A 190 -18.19 28.22 -0.78
C ASP A 190 -19.40 27.31 -0.97
N THR A 191 -19.27 26.29 -1.79
CA THR A 191 -20.42 25.41 -2.03
C THR A 191 -20.61 24.43 -0.87
N ALA A 192 -19.51 23.89 -0.37
CA ALA A 192 -19.57 22.98 0.77
C ALA A 192 -20.30 23.69 1.85
N ILE A 193 -19.79 24.86 2.21
CA ILE A 193 -20.44 25.68 3.21
C ILE A 193 -21.97 25.91 2.97
N SER A 194 -22.43 25.91 1.72
CA SER A 194 -23.87 26.03 1.52
C SER A 194 -24.57 24.68 1.64
N CYS A 195 -23.85 23.59 1.55
CA CYS A 195 -24.46 22.32 1.89
C CYS A 195 -24.70 22.27 3.39
N ILE A 196 -23.62 22.53 4.12
CA ILE A 196 -23.65 22.60 5.56
C ILE A 196 -24.79 23.51 6.00
N ASP A 197 -24.90 24.68 5.41
CA ASP A 197 -26.00 25.55 5.81
C ASP A 197 -27.35 25.10 5.25
N ARG A 198 -27.38 24.28 4.22
CA ARG A 198 -28.66 23.69 3.86
C ARG A 198 -28.94 22.46 4.78
N GLY A 199 -27.95 22.07 5.54
CA GLY A 199 -28.10 20.90 6.38
C GLY A 199 -28.17 19.68 5.51
N GLU A 200 -27.21 19.57 4.60
CA GLU A 200 -27.06 18.47 3.65
C GLU A 200 -25.62 17.96 3.68
N SER A 201 -25.43 16.70 4.04
CA SER A 201 -24.10 16.12 4.15
C SER A 201 -23.24 16.41 2.93
N VAL A 202 -21.95 16.71 3.12
CA VAL A 202 -21.06 17.04 1.99
C VAL A 202 -19.67 16.44 2.17
N LEU A 203 -19.11 15.93 1.08
CA LEU A 203 -17.77 15.37 1.03
C LEU A 203 -16.84 16.28 0.23
N VAL A 204 -15.69 16.62 0.80
CA VAL A 204 -14.76 17.49 0.10
C VAL A 204 -13.41 16.83 -0.06
N SER A 205 -12.91 16.79 -1.29
CA SER A 205 -11.54 16.38 -1.53
C SER A 205 -10.81 17.48 -2.27
N ALA A 206 -9.67 17.84 -1.71
CA ALA A 206 -8.83 18.82 -2.30
C ALA A 206 -7.54 18.50 -1.68
N HIS A 207 -6.48 19.09 -2.20
CA HIS A 207 -5.19 18.77 -1.67
C HIS A 207 -5.07 19.39 -0.30
N THR A 208 -4.24 18.80 0.54
CA THR A 208 -4.03 19.31 1.88
C THR A 208 -3.42 20.70 1.89
N SER A 209 -4.12 21.67 1.30
CA SER A 209 -3.87 23.06 1.65
C SER A 209 -4.38 23.23 3.08
N ALA A 210 -5.11 22.19 3.52
CA ALA A 210 -6.03 22.19 4.65
C ALA A 210 -6.97 23.35 4.49
N GLY A 211 -7.14 23.81 3.24
CA GLY A 211 -8.11 24.82 2.85
C GLY A 211 -9.51 24.27 3.13
N LYS A 212 -9.56 22.95 3.25
CA LYS A 212 -10.73 22.25 3.75
C LYS A 212 -11.18 22.80 5.11
N THR A 213 -10.23 23.20 5.96
CA THR A 213 -10.53 23.64 7.32
C THR A 213 -11.63 24.67 7.35
N VAL A 214 -11.55 25.60 6.40
CA VAL A 214 -12.59 26.60 6.25
C VAL A 214 -13.98 25.96 6.26
N VAL A 215 -14.16 24.87 5.54
CA VAL A 215 -15.44 24.21 5.54
C VAL A 215 -15.80 23.64 6.91
N ALA A 216 -14.83 23.03 7.60
CA ALA A 216 -15.16 22.44 8.87
C ALA A 216 -15.50 23.52 9.84
N GLU A 217 -14.66 24.54 9.91
CA GLU A 217 -14.93 25.65 10.80
C GLU A 217 -16.36 26.16 10.63
N TYR A 218 -16.85 26.17 9.40
CA TYR A 218 -18.21 26.63 9.21
C TYR A 218 -19.19 25.67 9.87
N ALA A 219 -19.06 24.37 9.63
CA ALA A 219 -20.02 23.41 10.20
C ALA A 219 -20.11 23.48 11.71
N ILE A 220 -18.94 23.52 12.35
CA ILE A 220 -18.85 23.64 13.79
C ILE A 220 -19.63 24.84 14.26
N ALA A 221 -19.15 26.03 13.93
CA ALA A 221 -19.80 27.27 14.30
C ALA A 221 -21.30 27.25 14.01
N GLN A 222 -21.72 26.55 12.96
CA GLN A 222 -23.13 26.44 12.68
C GLN A 222 -23.84 25.59 13.73
N SER A 223 -23.20 24.49 14.12
CA SER A 223 -23.70 23.61 15.19
C SER A 223 -23.84 24.37 16.51
N LEU A 224 -22.73 24.92 16.99
CA LEU A 224 -22.73 25.62 18.27
C LEU A 224 -23.64 26.83 18.27
N LYS A 225 -23.91 27.37 17.08
CA LYS A 225 -24.84 28.48 16.96
C LYS A 225 -26.25 27.96 17.22
N ASN A 226 -26.44 26.66 17.00
CA ASN A 226 -27.73 26.04 17.19
C ASN A 226 -27.76 25.21 18.45
N LYS A 227 -26.79 25.45 19.33
CA LYS A 227 -26.74 24.81 20.64
C LYS A 227 -26.81 23.30 20.50
N GLN A 228 -26.22 22.83 19.40
CA GLN A 228 -26.08 21.41 19.13
C GLN A 228 -24.65 21.00 19.39
N ARG A 229 -24.40 19.71 19.24
CA ARG A 229 -23.09 19.18 19.49
C ARG A 229 -22.57 18.66 18.17
N VAL A 230 -21.26 18.62 18.04
CA VAL A 230 -20.62 18.26 16.79
C VAL A 230 -19.26 17.59 17.07
N ILE A 231 -19.04 16.46 16.40
CA ILE A 231 -17.83 15.70 16.62
C ILE A 231 -16.76 15.89 15.57
N TYR A 232 -15.54 16.15 15.98
CA TYR A 232 -14.44 16.17 15.03
C TYR A 232 -13.48 14.99 15.23
N THR A 233 -13.46 14.04 14.30
CA THR A 233 -12.60 12.87 14.43
C THR A 233 -11.41 12.86 13.48
N SER A 234 -10.23 12.57 14.01
CA SER A 234 -9.07 12.27 13.19
C SER A 234 -8.63 10.85 13.54
N PRO A 235 -7.76 10.25 12.72
CA PRO A 235 -7.34 8.87 12.99
C PRO A 235 -6.49 8.71 14.25
N ILE A 236 -5.61 9.67 14.49
CA ILE A 236 -4.49 9.51 15.40
C ILE A 236 -4.54 10.42 16.62
N LYS A 237 -4.35 9.82 17.81
CA LYS A 237 -4.32 10.52 19.11
C LYS A 237 -3.61 11.87 19.09
N ALA A 238 -2.48 11.95 18.37
CA ALA A 238 -1.72 13.20 18.33
C ALA A 238 -2.52 14.27 17.66
N LEU A 239 -2.92 14.01 16.41
CA LEU A 239 -3.62 15.00 15.60
C LEU A 239 -4.94 15.38 16.27
N SER A 240 -5.40 14.53 17.18
CA SER A 240 -6.50 14.90 18.04
C SER A 240 -6.08 16.07 18.91
N ASN A 241 -4.89 16.01 19.50
CA ASN A 241 -4.40 17.12 20.33
C ASN A 241 -4.16 18.40 19.53
N GLN A 242 -3.55 18.25 18.36
CA GLN A 242 -3.20 19.39 17.55
C GLN A 242 -4.46 20.14 17.06
N LYS A 243 -5.43 19.41 16.52
CA LYS A 243 -6.71 20.01 16.15
C LYS A 243 -7.41 20.56 17.39
N TYR A 244 -7.29 19.85 18.50
CA TYR A 244 -7.87 20.29 19.76
C TYR A 244 -7.39 21.67 20.16
N ARG A 245 -6.07 21.83 20.20
CA ARG A 245 -5.50 23.12 20.55
C ARG A 245 -5.98 24.16 19.53
N GLU A 246 -5.95 23.79 18.25
CA GLU A 246 -6.38 24.70 17.19
C GLU A 246 -7.83 25.13 17.33
N LEU A 247 -8.71 24.17 17.63
CA LEU A 247 -10.14 24.44 17.71
C LEU A 247 -10.51 25.13 18.99
N LEU A 248 -9.75 24.81 20.02
CA LEU A 248 -9.96 25.37 21.31
C LEU A 248 -9.78 26.88 21.22
N ALA A 249 -8.66 27.27 20.59
CA ALA A 249 -8.26 28.67 20.52
C ALA A 249 -9.28 29.54 19.78
N GLU A 250 -10.13 28.89 19.00
CA GLU A 250 -11.02 29.60 18.11
C GLU A 250 -12.46 29.47 18.55
N PHE A 251 -12.77 28.42 19.30
CA PHE A 251 -14.19 28.14 19.57
C PHE A 251 -14.54 28.08 21.05
N GLY A 252 -13.57 27.75 21.90
CA GLY A 252 -13.83 27.68 23.32
C GLY A 252 -14.28 26.31 23.77
N ASP A 253 -15.58 26.08 23.83
CA ASP A 253 -16.03 24.81 24.39
C ASP A 253 -15.80 23.71 23.31
N VAL A 254 -14.56 23.23 23.39
CA VAL A 254 -14.01 22.14 22.60
C VAL A 254 -13.56 21.09 23.62
N GLY A 255 -13.59 19.84 23.22
CA GLY A 255 -13.22 18.75 24.11
C GLY A 255 -12.48 17.64 23.37
N LEU A 256 -11.59 16.97 24.10
CA LEU A 256 -10.64 16.04 23.53
C LEU A 256 -10.77 14.67 24.14
N MET A 257 -11.01 13.68 23.31
CA MET A 257 -11.11 12.32 23.82
C MET A 257 -10.21 11.36 23.06
N THR A 258 -9.10 11.04 23.69
CA THR A 258 -8.28 9.96 23.21
C THR A 258 -8.35 8.93 24.30
N GLY A 259 -7.75 7.78 24.06
CA GLY A 259 -7.48 6.90 25.17
C GLY A 259 -6.54 7.68 26.07
N ASP A 260 -5.56 8.35 25.45
CA ASP A 260 -4.50 9.04 26.17
C ASP A 260 -5.01 10.22 26.98
N ILE A 261 -5.69 11.13 26.31
CA ILE A 261 -6.17 12.38 26.94
C ILE A 261 -7.69 12.47 26.87
N THR A 262 -8.33 12.91 27.96
CA THR A 262 -9.76 13.13 27.93
C THR A 262 -10.19 14.30 28.80
N ILE A 263 -10.46 15.44 28.19
CA ILE A 263 -10.77 16.66 28.93
C ILE A 263 -12.06 17.37 28.49
N ASN A 264 -12.67 18.08 29.47
CA ASN A 264 -14.03 18.66 29.38
C ASN A 264 -14.92 18.07 28.29
N PRO A 265 -15.46 16.87 28.57
CA PRO A 265 -16.30 16.12 27.64
C PRO A 265 -17.72 16.67 27.59
N ASP A 266 -18.08 17.40 28.63
CA ASP A 266 -19.36 18.11 28.67
C ASP A 266 -19.21 19.30 27.72
N ALA A 267 -18.97 18.97 26.47
CA ALA A 267 -18.65 19.99 25.47
C ALA A 267 -19.67 19.90 24.37
N GLY A 268 -19.57 20.85 23.44
CA GLY A 268 -20.46 20.92 22.28
C GLY A 268 -19.68 20.63 21.02
N CYS A 269 -18.38 20.83 21.10
CA CYS A 269 -17.47 20.44 20.04
C CYS A 269 -16.49 19.37 20.55
N LEU A 270 -16.70 18.11 20.17
CA LEU A 270 -15.85 17.07 20.71
C LEU A 270 -14.90 16.53 19.67
N VAL A 271 -13.61 16.55 20.01
CA VAL A 271 -12.60 15.92 19.17
C VAL A 271 -12.20 14.57 19.78
N MET A 272 -12.27 13.51 18.97
CA MET A 272 -11.99 12.17 19.44
C MET A 272 -11.27 11.35 18.38
N THR A 273 -10.52 10.33 18.80
CA THR A 273 -9.96 9.40 17.82
C THR A 273 -11.12 8.66 17.19
N THR A 274 -10.93 8.21 15.96
CA THR A 274 -11.95 7.49 15.21
C THR A 274 -12.41 6.22 15.96
N GLU A 275 -11.45 5.61 16.67
CA GLU A 275 -11.71 4.43 17.47
C GLU A 275 -12.63 4.76 18.64
N ILE A 276 -12.39 5.91 19.27
CA ILE A 276 -13.22 6.38 20.34
C ILE A 276 -14.66 6.29 19.87
N LEU A 277 -14.97 7.05 18.83
CA LEU A 277 -16.31 7.08 18.27
C LEU A 277 -16.88 5.68 18.00
N ARG A 278 -16.05 4.80 17.45
CA ARG A 278 -16.48 3.45 17.11
C ARG A 278 -17.10 2.80 18.34
N SER A 279 -16.33 2.77 19.41
CA SER A 279 -16.79 2.24 20.67
C SER A 279 -18.12 2.92 21.06
N MET A 280 -18.13 4.25 21.06
CA MET A 280 -19.30 5.02 21.45
C MET A 280 -20.56 4.70 20.65
N LEU A 281 -20.42 4.37 19.37
CA LEU A 281 -21.59 3.98 18.63
C LEU A 281 -22.07 2.58 19.04
N TYR A 282 -21.08 1.75 19.39
CA TYR A 282 -21.30 0.36 19.79
C TYR A 282 -21.80 0.31 21.21
N ARG A 283 -21.25 1.20 22.03
CA ARG A 283 -21.61 1.38 23.42
C ARG A 283 -22.88 2.19 23.51
N GLY A 284 -22.95 3.07 24.49
CA GLY A 284 -24.13 3.87 24.63
C GLY A 284 -24.09 5.06 23.71
N SER A 285 -24.86 4.99 22.63
CA SER A 285 -25.01 6.14 21.75
C SER A 285 -25.44 7.29 22.64
N GLU A 286 -24.45 7.93 23.27
CA GLU A 286 -24.75 8.81 24.37
C GLU A 286 -24.73 10.27 24.00
N VAL A 287 -23.59 10.75 23.54
CA VAL A 287 -23.53 12.17 23.22
C VAL A 287 -24.40 12.34 21.98
N MET A 288 -24.11 11.48 20.99
CA MET A 288 -24.91 11.23 19.80
C MET A 288 -26.31 11.83 19.78
N ARG A 289 -26.99 11.75 20.91
CA ARG A 289 -28.34 12.25 20.92
C ARG A 289 -28.36 13.76 20.65
N GLU A 290 -27.40 14.51 21.15
CA GLU A 290 -27.42 15.95 20.91
C GLU A 290 -26.60 16.34 19.67
N VAL A 291 -25.96 15.36 19.02
CA VAL A 291 -25.00 15.63 17.96
C VAL A 291 -25.57 15.82 16.55
N ALA A 292 -25.22 16.98 15.96
CA ALA A 292 -25.78 17.43 14.69
C ALA A 292 -24.94 16.99 13.54
N TRP A 293 -23.64 17.26 13.63
CA TRP A 293 -22.73 17.07 12.50
C TRP A 293 -21.53 16.23 12.84
N VAL A 294 -21.19 15.22 12.04
CA VAL A 294 -19.91 14.61 12.32
C VAL A 294 -18.90 14.81 11.19
N ILE A 295 -17.74 15.31 11.57
CA ILE A 295 -16.71 15.75 10.65
C ILE A 295 -15.53 14.80 10.68
N PHE A 296 -15.35 14.12 9.56
CA PHE A 296 -14.28 13.14 9.41
C PHE A 296 -13.06 13.73 8.71
N ASP A 297 -11.95 13.86 9.42
CA ASP A 297 -10.76 14.36 8.74
C ASP A 297 -9.90 13.22 8.22
N GLU A 298 -9.39 13.38 7.00
CA GLU A 298 -8.54 12.39 6.36
C GLU A 298 -9.27 11.09 6.13
N VAL A 299 -10.47 11.26 5.59
CA VAL A 299 -11.33 10.20 5.09
C VAL A 299 -10.64 9.28 4.09
N HIS A 300 -9.65 9.77 3.39
CA HIS A 300 -9.04 8.92 2.39
C HIS A 300 -8.32 7.76 3.07
N TYR A 301 -8.28 7.80 4.40
CA TYR A 301 -7.62 6.76 5.19
C TYR A 301 -8.41 5.46 5.29
N MET A 302 -9.68 5.55 4.93
CA MET A 302 -10.56 4.41 4.85
C MET A 302 -10.11 3.30 3.88
N ARG A 303 -9.16 3.55 2.99
CA ARG A 303 -8.73 2.46 2.09
C ARG A 303 -7.59 1.68 2.71
N ASP A 304 -7.09 2.22 3.82
CA ASP A 304 -6.01 1.57 4.56
C ASP A 304 -6.46 0.18 4.94
N LYS A 305 -5.60 -0.82 4.72
CA LYS A 305 -5.95 -2.20 5.06
C LYS A 305 -6.21 -2.35 6.56
N GLU A 306 -5.57 -1.52 7.37
CA GLU A 306 -5.81 -1.54 8.81
C GLU A 306 -6.93 -0.57 9.21
N ARG A 307 -6.56 0.61 9.69
CA ARG A 307 -7.53 1.60 10.21
C ARG A 307 -8.75 1.79 9.30
N GLY A 308 -8.69 1.23 8.10
CA GLY A 308 -9.69 1.45 7.08
C GLY A 308 -11.04 0.83 7.36
N VAL A 309 -11.09 -0.20 8.19
CA VAL A 309 -12.38 -0.76 8.56
C VAL A 309 -13.03 0.09 9.65
N VAL A 310 -12.23 0.60 10.59
CA VAL A 310 -12.72 1.50 11.63
C VAL A 310 -13.59 2.61 11.04
N TRP A 311 -13.07 3.25 10.00
CA TRP A 311 -13.74 4.36 9.33
C TRP A 311 -15.08 3.93 8.77
N GLU A 312 -15.08 2.79 8.10
CA GLU A 312 -16.26 2.27 7.44
C GLU A 312 -17.28 1.85 8.47
N GLU A 313 -16.86 0.97 9.37
CA GLU A 313 -17.72 0.53 10.45
C GLU A 313 -18.38 1.76 11.06
N THR A 314 -17.58 2.64 11.66
CA THR A 314 -18.07 3.84 12.35
C THR A 314 -19.21 4.54 11.63
N ILE A 315 -18.94 4.93 10.39
CA ILE A 315 -19.93 5.53 9.52
C ILE A 315 -21.21 4.72 9.46
N ILE A 316 -21.06 3.43 9.15
CA ILE A 316 -22.19 2.51 9.03
C ILE A 316 -23.10 2.57 10.25
N LEU A 317 -22.47 2.71 11.41
CA LEU A 317 -23.17 2.64 12.67
C LEU A 317 -24.02 3.87 12.82
N LEU A 318 -23.37 5.02 12.74
CA LEU A 318 -24.00 6.34 12.80
C LEU A 318 -25.48 6.45 12.39
N PRO A 319 -26.19 7.41 12.96
CA PRO A 319 -27.63 7.59 12.76
C PRO A 319 -27.98 8.31 11.51
N ASP A 320 -28.85 7.74 10.68
CA ASP A 320 -29.40 8.39 9.49
C ASP A 320 -29.74 9.86 9.70
N LYS A 321 -29.80 10.27 10.98
CA LYS A 321 -30.26 11.57 11.36
C LYS A 321 -29.11 12.56 11.60
N VAL A 322 -27.93 12.04 11.88
CA VAL A 322 -26.79 12.92 11.96
C VAL A 322 -26.30 13.31 10.57
N ARG A 323 -25.77 14.51 10.43
CA ARG A 323 -25.21 14.94 9.16
C ARG A 323 -23.71 14.82 9.16
N TYR A 324 -23.14 14.69 7.96
CA TYR A 324 -21.72 14.39 7.78
C TYR A 324 -20.99 15.44 6.99
N VAL A 325 -19.74 15.63 7.38
CA VAL A 325 -18.82 16.38 6.58
C VAL A 325 -17.59 15.51 6.41
N PHE A 326 -17.32 15.11 5.18
CA PHE A 326 -16.17 14.29 4.90
C PHE A 326 -15.04 15.13 4.34
N LEU A 327 -13.84 14.92 4.87
CA LEU A 327 -12.67 15.67 4.42
C LEU A 327 -11.60 14.76 3.83
N SER A 328 -11.36 14.91 2.54
CA SER A 328 -10.37 14.07 1.92
C SER A 328 -9.30 14.85 1.17
N ALA A 329 -8.21 14.14 0.89
CA ALA A 329 -7.30 14.57 -0.13
C ALA A 329 -8.00 14.26 -1.43
N THR A 330 -7.44 14.72 -2.53
CA THR A 330 -7.98 14.42 -3.85
C THR A 330 -8.20 12.90 -4.03
N ILE A 331 -9.27 12.54 -4.72
CA ILE A 331 -9.63 11.14 -4.88
C ILE A 331 -10.40 10.98 -6.16
N PRO A 332 -10.01 10.00 -6.98
CA PRO A 332 -10.60 9.84 -8.32
C PRO A 332 -12.11 9.72 -8.27
N ASN A 333 -12.61 8.56 -7.88
CA ASN A 333 -14.04 8.45 -7.70
C ASN A 333 -14.41 8.40 -6.25
N ALA A 334 -14.96 9.56 -5.84
CA ALA A 334 -15.56 9.84 -4.55
C ALA A 334 -17.09 9.89 -4.72
N MET A 335 -17.57 10.11 -5.94
CA MET A 335 -19.02 10.08 -6.20
C MET A 335 -19.63 8.70 -5.92
N GLU A 336 -18.77 7.70 -5.72
CA GLU A 336 -19.20 6.37 -5.35
C GLU A 336 -19.35 6.39 -3.85
N PHE A 337 -18.55 7.21 -3.17
CA PHE A 337 -18.69 7.35 -1.73
C PHE A 337 -19.98 8.04 -1.32
N ALA A 338 -20.33 9.15 -1.98
CA ALA A 338 -21.55 9.85 -1.59
C ALA A 338 -22.79 8.98 -1.79
N GLU A 339 -22.89 8.32 -2.95
CA GLU A 339 -24.05 7.47 -3.24
C GLU A 339 -24.28 6.53 -2.08
N TRP A 340 -23.18 5.95 -1.62
CA TRP A 340 -23.17 5.04 -0.49
C TRP A 340 -23.78 5.66 0.75
N ILE A 341 -23.24 6.80 1.17
CA ILE A 341 -23.87 7.59 2.24
C ILE A 341 -25.36 7.83 1.94
N CYS A 342 -25.65 8.39 0.77
CA CYS A 342 -27.03 8.56 0.34
C CYS A 342 -27.80 7.24 0.35
N LYS A 343 -27.13 6.11 0.18
CA LYS A 343 -27.86 4.84 0.30
C LYS A 343 -28.05 4.46 1.77
N ILE A 344 -27.03 4.56 2.59
CA ILE A 344 -27.15 3.90 3.88
C ILE A 344 -27.66 4.80 5.00
N HIS A 345 -27.50 6.10 4.84
CA HIS A 345 -28.09 7.02 5.83
C HIS A 345 -29.16 7.82 5.18
N SER A 346 -29.76 7.21 4.17
CA SER A 346 -30.84 7.77 3.38
C SER A 346 -31.00 9.29 3.46
N GLN A 347 -30.13 10.01 2.72
CA GLN A 347 -30.07 11.48 2.72
C GLN A 347 -29.20 12.04 1.60
N PRO A 348 -29.39 13.33 1.26
CA PRO A 348 -28.51 13.97 0.28
C PRO A 348 -27.06 13.97 0.73
N CYS A 349 -26.14 13.54 -0.13
CA CYS A 349 -24.71 13.79 0.08
C CYS A 349 -24.10 14.49 -1.13
N HIS A 350 -23.52 15.66 -0.88
CA HIS A 350 -22.77 16.41 -1.88
C HIS A 350 -21.29 15.95 -1.96
N ILE A 351 -20.69 16.14 -3.13
CA ILE A 351 -19.26 15.95 -3.32
C ILE A 351 -18.71 17.28 -3.79
N VAL A 352 -17.49 17.62 -3.35
CA VAL A 352 -16.84 18.86 -3.80
C VAL A 352 -15.35 18.60 -4.04
N TYR A 353 -14.96 18.64 -5.32
CA TYR A 353 -13.59 18.31 -5.70
C TYR A 353 -12.88 19.51 -6.33
N THR A 354 -11.58 19.63 -6.07
CA THR A 354 -10.78 20.58 -6.82
C THR A 354 -9.36 20.08 -7.05
N ASN A 355 -8.85 20.33 -8.25
CA ASN A 355 -7.44 20.14 -8.53
C ASN A 355 -6.68 21.37 -8.15
N PHE A 356 -7.20 22.16 -7.21
CA PHE A 356 -6.47 23.37 -6.81
C PHE A 356 -5.15 23.02 -6.11
N ARG A 357 -4.09 23.79 -6.40
CA ARG A 357 -2.80 23.64 -5.72
C ARG A 357 -2.36 24.93 -5.09
N PRO A 358 -2.45 25.01 -3.76
CA PRO A 358 -1.98 26.08 -2.89
C PRO A 358 -0.47 26.31 -3.01
N THR A 359 -0.10 27.32 -3.81
CA THR A 359 1.29 27.58 -4.21
C THR A 359 1.73 26.53 -5.24
N PRO A 360 1.73 26.91 -6.53
CA PRO A 360 1.87 26.04 -7.70
C PRO A 360 3.11 25.19 -7.63
N LEU A 361 3.09 24.11 -8.37
CA LEU A 361 4.23 23.20 -8.42
C LEU A 361 5.02 23.26 -9.73
N GLN A 362 6.34 23.15 -9.62
CA GLN A 362 7.11 22.87 -10.82
C GLN A 362 7.86 21.55 -10.69
N HIS A 363 8.07 20.89 -11.83
CA HIS A 363 8.47 19.49 -11.88
C HIS A 363 9.63 19.25 -12.80
N TYR A 364 10.79 18.98 -12.24
CA TYR A 364 12.01 18.74 -13.01
C TYR A 364 12.47 17.29 -13.05
N LEU A 365 13.03 16.84 -14.16
CA LEU A 365 13.76 15.59 -14.15
C LEU A 365 15.22 15.90 -13.99
N PHE A 366 15.92 15.18 -13.13
CA PHE A 366 17.35 15.36 -13.08
C PHE A 366 18.01 14.10 -13.57
N PRO A 367 18.44 14.07 -14.82
CA PRO A 367 19.00 12.81 -15.28
C PRO A 367 20.35 12.52 -14.60
N ALA A 368 20.79 11.26 -14.63
CA ALA A 368 21.79 10.78 -13.69
C ALA A 368 23.27 10.95 -14.10
N HIS A 369 23.55 11.19 -15.38
CA HIS A 369 24.88 11.64 -15.80
C HIS A 369 25.13 13.01 -15.14
N GLY A 370 24.03 13.73 -14.92
CA GLY A 370 23.90 14.67 -13.84
C GLY A 370 24.58 16.01 -13.93
N ASP A 371 24.00 16.91 -14.71
CA ASP A 371 24.53 18.27 -14.86
C ASP A 371 23.44 19.23 -15.24
N GLY A 372 22.55 18.75 -16.11
CA GLY A 372 21.45 19.56 -16.61
C GLY A 372 20.17 19.06 -16.03
N ILE A 373 19.23 19.98 -15.88
CA ILE A 373 18.01 19.74 -15.13
C ILE A 373 16.77 20.31 -15.86
N TYR A 374 15.72 19.50 -16.02
CA TYR A 374 14.70 19.84 -17.01
C TYR A 374 13.28 19.96 -16.47
N LEU A 375 12.75 21.17 -16.47
CA LEU A 375 11.34 21.43 -16.20
C LEU A 375 10.45 20.61 -17.10
N VAL A 376 9.85 19.57 -16.55
CA VAL A 376 9.10 18.64 -17.36
C VAL A 376 7.59 18.83 -17.35
N VAL A 377 7.02 19.24 -16.22
CA VAL A 377 5.59 19.61 -16.18
C VAL A 377 5.41 21.01 -15.58
N ASP A 378 4.59 21.84 -16.23
CA ASP A 378 4.42 23.22 -15.79
C ASP A 378 3.32 23.44 -14.76
N GLU A 379 3.14 24.70 -14.42
CA GLU A 379 2.05 25.13 -13.56
C GLU A 379 0.73 25.22 -14.34
N LYS A 380 0.28 24.13 -14.96
CA LYS A 380 -1.02 24.16 -15.63
C LYS A 380 -1.95 22.98 -15.37
N SER A 381 -1.53 21.72 -15.50
CA SER A 381 -0.16 21.26 -15.74
C SER A 381 0.10 20.99 -17.22
N THR A 382 0.77 21.92 -17.88
CA THR A 382 1.25 21.66 -19.23
C THR A 382 2.46 20.77 -19.13
N PHE A 383 2.45 19.70 -19.90
CA PHE A 383 3.57 18.78 -19.99
C PHE A 383 4.62 19.29 -20.97
N ARG A 384 5.75 19.76 -20.46
CA ARG A 384 6.80 20.27 -21.33
C ARG A 384 7.49 19.19 -22.15
N GLU A 385 6.75 18.64 -23.10
CA GLU A 385 7.19 17.51 -23.91
C GLU A 385 8.60 17.65 -24.45
N GLU A 386 8.95 18.83 -24.92
CA GLU A 386 10.23 19.00 -25.58
C GLU A 386 11.34 18.94 -24.56
N ASN A 387 11.25 19.80 -23.54
CA ASN A 387 12.15 19.75 -22.39
C ASN A 387 12.36 18.34 -21.87
N PHE A 388 11.37 17.50 -22.10
CA PHE A 388 11.39 16.14 -21.60
C PHE A 388 12.25 15.27 -22.46
N GLN A 389 12.06 15.40 -23.76
CA GLN A 389 12.73 14.50 -24.67
C GLN A 389 14.17 14.90 -24.79
N LYS A 390 14.42 16.17 -24.51
CA LYS A 390 15.77 16.62 -24.28
C LYS A 390 16.34 15.88 -23.08
N ALA A 391 15.53 15.83 -22.01
CA ALA A 391 15.95 15.23 -20.73
C ALA A 391 16.28 13.76 -20.89
N MET A 392 15.38 12.99 -21.49
CA MET A 392 15.65 11.56 -21.63
C MET A 392 16.96 11.33 -22.37
N ALA A 393 17.20 12.18 -23.36
CA ALA A 393 18.38 12.10 -24.19
C ALA A 393 19.68 12.13 -23.39
N SER A 394 19.77 12.98 -22.36
CA SER A 394 20.99 13.04 -21.53
C SER A 394 21.11 11.88 -20.54
N ILE A 395 20.54 10.75 -20.92
CA ILE A 395 20.70 9.54 -20.14
C ILE A 395 21.70 8.64 -20.81
N ALA A 425 25.10 5.83 -7.84
CA ALA A 425 24.64 7.17 -8.20
C ALA A 425 24.59 8.07 -6.95
N LYS A 426 25.62 7.94 -6.13
CA LYS A 426 25.75 8.63 -4.84
C LYS A 426 25.89 10.16 -4.94
N GLY A 427 26.88 10.63 -5.71
CA GLY A 427 27.29 12.02 -5.74
C GLY A 427 26.31 12.99 -6.41
N ASP A 428 25.46 12.45 -7.28
CA ASP A 428 24.42 13.24 -7.95
C ASP A 428 23.63 13.97 -6.90
N ILE A 429 23.41 13.29 -5.79
CA ILE A 429 22.56 13.83 -4.75
C ILE A 429 23.26 15.02 -4.09
N TYR A 430 24.54 14.86 -3.78
CA TYR A 430 25.26 15.95 -3.16
C TYR A 430 25.22 17.19 -4.02
N LYS A 431 25.52 17.01 -5.32
CA LYS A 431 25.51 18.08 -6.30
C LYS A 431 24.20 18.86 -6.22
N ILE A 432 23.10 18.12 -6.12
CA ILE A 432 21.80 18.75 -6.04
C ILE A 432 21.55 19.28 -4.63
N VAL A 433 22.14 18.66 -3.62
CA VAL A 433 21.95 19.19 -2.27
C VAL A 433 22.59 20.57 -2.15
N LYS A 434 23.88 20.63 -2.51
CA LYS A 434 24.63 21.88 -2.43
C LYS A 434 23.94 22.95 -3.25
N MET A 435 23.54 22.53 -4.44
CA MET A 435 22.90 23.39 -5.42
C MET A 435 21.69 24.17 -4.88
N ILE A 436 20.97 23.55 -3.97
CA ILE A 436 19.68 24.08 -3.55
C ILE A 436 19.85 25.00 -2.36
N TRP A 437 20.87 24.73 -1.55
CA TRP A 437 21.24 25.62 -0.46
C TRP A 437 21.89 26.86 -1.08
N LYS A 438 22.57 26.66 -2.20
CA LYS A 438 23.18 27.77 -2.91
C LYS A 438 22.15 28.55 -3.71
N LYS A 439 21.33 27.86 -4.51
CA LYS A 439 20.27 28.54 -5.26
C LYS A 439 19.22 29.06 -4.30
N LYS A 440 19.35 28.64 -3.03
CA LYS A 440 18.51 29.09 -1.93
C LYS A 440 17.03 28.73 -2.12
N TYR A 441 16.76 27.46 -2.37
CA TYR A 441 15.38 27.02 -2.31
C TYR A 441 15.28 26.23 -1.00
N ASN A 442 15.35 27.04 0.07
CA ASN A 442 16.11 26.73 1.29
C ASN A 442 15.97 25.35 1.99
N PRO A 443 14.74 24.89 2.32
CA PRO A 443 14.68 23.62 3.10
C PRO A 443 14.23 22.43 2.26
N VAL A 444 14.84 21.25 2.45
CA VAL A 444 14.55 20.14 1.51
C VAL A 444 14.27 18.75 2.11
N ILE A 445 13.19 18.13 1.66
CA ILE A 445 12.93 16.77 2.08
C ILE A 445 13.44 15.90 0.97
N VAL A 446 14.36 15.00 1.30
CA VAL A 446 14.91 14.15 0.28
C VAL A 446 14.40 12.72 0.44
N PHE A 447 13.31 12.43 -0.26
CA PHE A 447 12.61 11.18 -0.07
C PHE A 447 13.33 9.92 -0.51
N SER A 448 13.62 9.02 0.44
CA SER A 448 14.07 7.67 0.11
C SER A 448 13.05 6.64 0.57
N PHE A 449 13.08 5.46 -0.05
CA PHE A 449 12.03 4.47 0.18
C PHE A 449 12.38 3.42 1.24
N SER A 450 13.65 3.46 1.67
CA SER A 450 14.11 2.58 2.71
C SER A 450 14.71 3.41 3.84
N LYS A 451 14.91 2.75 4.98
CA LYS A 451 15.53 3.37 6.15
C LYS A 451 17.03 3.49 5.88
N ARG A 452 17.56 2.44 5.26
CA ARG A 452 19.00 2.30 5.05
C ARG A 452 19.59 3.39 4.15
N ASP A 453 18.77 3.90 3.21
CA ASP A 453 19.20 4.99 2.33
C ASP A 453 19.27 6.35 3.04
N CYS A 454 18.21 6.73 3.73
CA CYS A 454 18.15 8.00 4.46
C CYS A 454 19.34 8.26 5.39
N GLU A 455 19.99 7.18 5.84
CA GLU A 455 21.07 7.29 6.80
C GLU A 455 22.45 7.45 6.12
N GLU A 456 22.63 6.82 4.96
CA GLU A 456 23.88 6.99 4.23
C GLU A 456 23.92 8.35 3.51
N LEU A 457 22.75 8.85 3.09
CA LEU A 457 22.65 10.07 2.29
C LEU A 457 22.53 11.35 3.11
N ALA A 458 22.11 11.24 4.36
CA ALA A 458 22.03 12.43 5.20
C ALA A 458 23.40 12.79 5.75
N LEU A 459 24.27 11.78 5.89
CA LEU A 459 25.60 11.98 6.48
C LEU A 459 26.63 12.41 5.43
N LYS A 460 26.36 12.10 4.16
CA LYS A 460 27.26 12.55 3.11
C LYS A 460 27.00 14.03 2.78
N MET A 461 25.89 14.57 3.28
CA MET A 461 25.66 15.99 3.18
C MET A 461 25.84 16.61 4.55
N SER A 462 26.39 15.83 5.48
CA SER A 462 26.78 16.33 6.81
C SER A 462 28.20 16.88 6.75
N LYS A 463 28.77 16.81 5.55
CA LYS A 463 30.04 17.44 5.29
C LYS A 463 29.81 18.93 5.07
N LEU A 464 28.76 19.23 4.32
CA LEU A 464 28.52 20.59 3.84
C LEU A 464 28.06 21.53 4.93
N ASP A 465 26.73 21.70 5.03
CA ASP A 465 26.11 22.76 5.81
C ASP A 465 26.37 22.64 7.32
N PHE A 466 27.59 22.28 7.70
CA PHE A 466 27.99 22.31 9.11
C PHE A 466 27.82 23.76 9.62
N ASN A 467 27.66 24.68 8.67
CA ASN A 467 27.15 26.02 8.91
C ASN A 467 25.67 26.04 9.30
N SER A 468 25.00 27.18 9.04
CA SER A 468 23.80 27.53 9.77
C SER A 468 24.15 27.33 11.24
N ASP A 469 25.34 27.82 11.62
CA ASP A 469 25.94 27.51 12.92
C ASP A 469 25.95 28.72 13.88
N ASP A 470 25.76 29.93 13.34
CA ASP A 470 25.31 31.04 14.17
C ASP A 470 23.84 30.76 14.53
N GLU A 471 23.21 29.91 13.72
CA GLU A 471 21.90 29.35 14.01
C GLU A 471 22.02 28.19 15.03
N LYS A 472 23.08 27.39 14.94
CA LYS A 472 23.34 26.39 15.97
C LYS A 472 23.64 27.09 17.28
N GLU A 473 24.08 28.34 17.20
CA GLU A 473 24.16 29.23 18.37
C GLU A 473 22.76 29.59 18.89
N ALA A 474 21.80 28.66 18.70
CA ALA A 474 20.42 28.80 19.14
C ALA A 474 19.72 27.44 19.13
N LEU A 475 20.19 26.55 18.26
CA LEU A 475 19.54 25.25 17.99
C LEU A 475 19.66 24.26 19.15
N THR A 476 20.88 24.09 19.60
CA THR A 476 21.23 23.10 20.62
C THR A 476 20.34 23.17 21.85
N LYS A 477 19.69 24.30 22.06
CA LYS A 477 19.00 24.61 23.32
C LYS A 477 17.59 24.03 23.41
N ILE A 478 16.80 24.19 22.36
CA ILE A 478 15.47 23.57 22.32
C ILE A 478 15.62 22.08 21.96
N PHE A 479 16.75 21.73 21.35
CA PHE A 479 17.12 20.32 21.12
C PHE A 479 17.51 19.59 22.43
N ASN A 480 18.05 20.32 23.39
CA ASN A 480 18.39 19.72 24.69
C ASN A 480 17.27 19.95 25.71
N ASN A 481 16.21 20.63 25.26
CA ASN A 481 14.94 20.73 25.98
C ASN A 481 14.28 19.36 26.13
N ALA A 482 15.08 18.30 26.01
CA ALA A 482 14.59 16.94 25.77
C ALA A 482 15.45 15.84 26.43
N ILE A 483 16.64 15.60 25.91
CA ILE A 483 17.54 14.54 26.41
C ILE A 483 17.60 14.45 27.95
N ALA A 484 17.48 15.59 28.63
CA ALA A 484 17.46 15.61 30.09
C ALA A 484 16.09 15.21 30.66
N LEU A 485 15.06 15.34 29.83
CA LEU A 485 13.69 14.93 30.18
C LEU A 485 13.58 13.40 30.23
N LEU A 486 14.62 12.76 29.71
CA LEU A 486 14.70 11.32 29.62
C LEU A 486 15.05 10.63 30.93
N PRO A 487 14.80 9.32 31.00
CA PRO A 487 15.55 8.47 31.91
C PRO A 487 17.03 8.52 31.51
N GLU A 488 17.93 8.51 32.48
CA GLU A 488 19.36 8.75 32.26
C GLU A 488 20.09 7.69 31.42
N THR A 489 19.92 6.43 31.77
CA THR A 489 20.51 5.30 31.03
C THR A 489 19.92 5.23 29.63
N ASP A 490 18.67 5.65 29.52
CA ASP A 490 18.00 5.70 28.24
C ASP A 490 18.17 7.10 27.66
N ARG A 491 19.08 7.86 28.26
CA ARG A 491 19.50 9.16 27.71
C ARG A 491 20.92 9.09 27.15
N GLU A 492 21.57 7.93 27.30
CA GLU A 492 22.92 7.72 26.78
C GLU A 492 22.89 7.12 25.37
N LEU A 493 23.71 6.09 25.14
CA LEU A 493 23.63 5.26 23.93
C LEU A 493 23.90 6.02 22.62
N PRO A 494 24.13 5.30 21.51
CA PRO A 494 24.26 5.92 20.17
C PRO A 494 22.95 6.52 19.62
N GLN A 495 22.22 7.19 20.51
CA GLN A 495 20.89 7.74 20.23
C GLN A 495 20.94 9.19 19.76
N ILE A 496 21.37 10.04 20.68
CA ILE A 496 21.63 11.46 20.40
C ILE A 496 23.04 11.61 19.86
N LYS A 497 23.86 10.58 20.07
CA LYS A 497 25.19 10.49 19.47
C LYS A 497 25.04 10.40 17.96
N HIS A 498 26.01 10.96 17.24
CA HIS A 498 25.77 11.41 15.87
C HIS A 498 24.58 12.34 15.99
N ILE A 499 23.61 12.26 15.08
CA ILE A 499 22.41 13.08 15.16
C ILE A 499 22.68 14.58 15.36
N LEU A 500 23.34 14.92 16.47
CA LEU A 500 23.59 16.32 16.89
C LEU A 500 24.59 17.13 16.03
N PRO A 501 25.63 16.49 15.44
CA PRO A 501 26.32 17.26 14.39
C PRO A 501 25.39 17.57 13.22
N LEU A 502 24.68 16.55 12.76
CA LEU A 502 23.70 16.74 11.69
C LEU A 502 22.70 17.81 12.11
N LEU A 503 22.31 17.77 13.39
CA LEU A 503 21.52 18.86 13.93
C LEU A 503 22.31 20.14 13.74
N ARG A 504 23.54 20.15 14.28
CA ARG A 504 24.44 21.30 14.12
C ARG A 504 24.53 21.74 12.67
N ARG A 505 24.63 20.76 11.79
CA ARG A 505 24.85 21.01 10.39
C ARG A 505 23.53 21.20 9.65
N GLY A 506 22.50 21.57 10.40
CA GLY A 506 21.17 21.79 9.85
C GLY A 506 20.62 20.60 9.08
N ILE A 507 20.74 19.39 9.65
CA ILE A 507 20.45 18.09 8.97
C ILE A 507 19.92 17.04 9.94
N GLY A 508 19.28 15.99 9.42
CA GLY A 508 19.07 14.77 10.17
C GLY A 508 18.61 13.62 9.29
N ILE A 509 18.08 12.56 9.91
CA ILE A 509 17.32 11.54 9.18
C ILE A 509 15.89 11.46 9.73
N HIS A 510 15.05 10.60 9.16
CA HIS A 510 13.68 10.42 9.66
C HIS A 510 13.26 8.96 9.75
N HIS A 511 13.63 8.41 10.89
CA HIS A 511 13.17 7.16 11.48
C HIS A 511 12.39 6.15 10.66
N SER A 512 11.24 5.81 11.26
CA SER A 512 10.78 4.44 11.45
C SER A 512 11.78 3.65 12.31
N GLY A 513 12.56 4.37 13.11
CA GLY A 513 13.65 3.77 13.88
C GLY A 513 14.10 4.64 15.04
N LEU A 514 13.83 5.94 14.97
CA LEU A 514 14.31 6.87 16.00
C LEU A 514 13.51 6.78 17.29
N LEU A 515 13.20 7.94 17.86
CA LEU A 515 12.25 8.04 18.97
C LEU A 515 11.19 9.09 18.64
N PRO A 516 9.93 8.88 19.08
CA PRO A 516 8.86 9.82 18.77
C PRO A 516 9.17 11.25 19.16
N ILE A 517 10.06 11.44 20.13
CA ILE A 517 10.48 12.78 20.53
C ILE A 517 11.73 13.19 19.74
N LEU A 518 12.63 12.23 19.53
CA LEU A 518 13.78 12.40 18.64
C LEU A 518 13.29 12.88 17.27
N LYS A 519 12.08 12.51 16.88
CA LYS A 519 11.53 12.85 15.56
C LYS A 519 10.63 14.11 15.53
N GLU A 520 10.12 14.53 16.69
CA GLU A 520 9.28 15.74 16.72
C GLU A 520 10.09 16.91 17.17
N VAL A 521 11.26 16.64 17.74
CA VAL A 521 12.21 17.71 17.93
C VAL A 521 12.63 18.09 16.54
N ILE A 522 12.87 17.05 15.73
CA ILE A 522 13.23 17.16 14.33
C ILE A 522 12.11 17.84 13.57
N GLU A 523 10.88 17.38 13.83
CA GLU A 523 9.68 17.96 13.20
C GLU A 523 9.56 19.44 13.53
N ILE A 524 9.98 19.81 14.72
CA ILE A 524 9.96 21.21 15.12
C ILE A 524 11.22 21.91 14.62
N LEU A 525 12.32 21.17 14.60
CA LEU A 525 13.53 21.58 13.91
C LEU A 525 13.25 21.79 12.42
N PHE A 526 12.32 21.01 11.89
CA PHE A 526 11.90 21.19 10.52
C PHE A 526 10.90 22.36 10.42
N GLN A 527 9.94 22.38 11.35
CA GLN A 527 9.00 23.50 11.49
C GLN A 527 9.72 24.85 11.49
N GLU A 528 10.78 24.95 12.29
CA GLU A 528 11.61 26.15 12.34
C GLU A 528 12.66 26.22 11.20
N GLY A 529 12.87 25.11 10.50
CA GLY A 529 13.84 25.07 9.43
C GLY A 529 15.29 25.05 9.88
N PHE A 530 15.53 24.79 11.16
CA PHE A 530 16.89 24.62 11.67
C PHE A 530 17.64 23.54 10.89
N LEU A 531 16.94 22.43 10.62
CA LEU A 531 17.45 21.41 9.71
C LEU A 531 17.09 21.83 8.30
N LYS A 532 18.06 21.77 7.40
CA LYS A 532 17.84 22.26 6.05
C LYS A 532 17.59 21.09 5.06
N VAL A 533 18.28 19.97 5.32
CA VAL A 533 18.01 18.73 4.60
C VAL A 533 17.68 17.62 5.61
N LEU A 534 16.45 17.14 5.56
CA LEU A 534 16.16 15.92 6.28
C LEU A 534 16.10 14.82 5.24
N PHE A 535 16.98 13.84 5.37
CA PHE A 535 16.89 12.67 4.50
C PHE A 535 15.85 11.75 5.13
N ALA A 536 14.63 11.89 4.64
CA ALA A 536 13.43 11.36 5.26
C ALA A 536 12.80 10.26 4.43
N THR A 537 11.90 9.49 5.04
CA THR A 537 11.37 8.30 4.36
C THR A 537 9.91 8.47 3.91
N GLU A 538 9.49 7.54 3.04
CA GLU A 538 8.20 7.58 2.35
C GLU A 538 7.11 8.04 3.27
N THR A 539 7.20 7.46 4.47
CA THR A 539 6.16 7.33 5.49
C THR A 539 6.26 8.27 6.69
N PHE A 540 5.30 9.17 6.84
CA PHE A 540 5.29 10.08 7.97
C PHE A 540 4.12 9.80 8.91
N SER A 541 4.19 10.33 10.13
CA SER A 541 3.39 9.83 11.26
C SER A 541 1.87 9.78 11.07
N ILE A 542 1.40 10.01 9.85
CA ILE A 542 -0.02 9.96 9.49
C ILE A 542 -0.89 11.03 10.19
N GLY A 543 -0.54 12.32 10.05
CA GLY A 543 0.54 12.84 9.22
C GLY A 543 0.95 14.25 9.58
N LEU A 544 2.24 14.49 9.67
CA LEU A 544 2.72 15.73 10.25
C LEU A 544 2.45 16.96 9.37
N ASN A 545 3.03 18.09 9.78
CA ASN A 545 3.14 19.29 8.94
C ASN A 545 4.61 19.58 8.58
N MET A 546 4.90 19.76 7.30
CA MET A 546 6.29 19.84 6.89
C MET A 546 6.66 21.04 6.01
N PRO A 547 7.88 21.61 6.24
CA PRO A 547 8.47 22.68 5.43
C PRO A 547 8.68 22.23 3.99
N ALA A 548 8.82 23.17 3.08
CA ALA A 548 8.79 22.82 1.68
C ALA A 548 9.82 23.53 0.82
N LYS A 549 9.32 24.38 -0.08
CA LYS A 549 10.07 24.86 -1.24
C LYS A 549 10.60 23.65 -2.05
N THR A 550 11.36 22.75 -1.41
CA THR A 550 12.10 21.73 -2.14
C THR A 550 11.78 20.30 -1.80
N VAL A 551 11.22 19.57 -2.77
CA VAL A 551 11.08 18.12 -2.64
C VAL A 551 11.83 17.40 -3.75
N VAL A 552 12.73 16.52 -3.36
CA VAL A 552 13.56 15.82 -4.30
C VAL A 552 13.45 14.31 -4.21
N PHE A 553 12.79 13.67 -5.17
CA PHE A 553 12.76 12.21 -5.20
C PHE A 553 14.10 11.64 -5.52
N THR A 554 14.62 10.76 -4.70
CA THR A 554 15.90 10.19 -5.08
C THR A 554 15.73 9.12 -6.12
N SER A 555 14.48 8.83 -6.47
CA SER A 555 14.21 7.79 -7.43
C SER A 555 12.84 7.93 -8.10
N VAL A 556 12.53 6.95 -8.93
CA VAL A 556 11.29 6.93 -9.69
C VAL A 556 10.64 5.58 -9.44
N ARG A 557 11.34 4.73 -8.71
CA ARG A 557 10.86 3.37 -8.45
C ARG A 557 10.67 3.04 -6.93
N LYS A 558 9.78 2.09 -6.58
CA LYS A 558 9.64 1.64 -5.18
C LYS A 558 9.80 0.13 -5.12
N TRP A 559 10.40 -0.40 -4.06
CA TRP A 559 10.52 -1.84 -3.97
C TRP A 559 9.30 -2.33 -3.24
N ASP A 560 9.14 -3.66 -3.22
CA ASP A 560 8.24 -4.40 -2.32
C ASP A 560 8.47 -5.93 -2.50
N GLY A 561 9.70 -6.36 -2.19
CA GLY A 561 10.09 -7.77 -2.09
C GLY A 561 10.13 -8.82 -3.21
N GLN A 562 10.63 -8.51 -4.41
CA GLN A 562 10.98 -7.16 -4.87
C GLN A 562 10.51 -7.01 -6.31
N GLN A 563 9.32 -6.47 -6.47
CA GLN A 563 9.09 -5.65 -7.64
C GLN A 563 9.87 -4.38 -7.34
N PHE A 564 10.74 -3.99 -8.27
CA PHE A 564 11.16 -2.60 -8.31
C PHE A 564 10.24 -2.02 -9.37
N ARG A 565 9.29 -1.22 -8.91
CA ARG A 565 8.20 -0.77 -9.76
C ARG A 565 8.21 0.73 -9.73
N TRP A 566 7.62 1.36 -10.74
CA TRP A 566 7.53 2.81 -10.76
C TRP A 566 6.65 3.32 -9.66
N VAL A 567 7.04 4.44 -9.05
CA VAL A 567 6.14 5.28 -8.27
C VAL A 567 4.82 5.40 -9.02
N SER A 568 3.70 5.41 -8.32
CA SER A 568 2.40 5.50 -8.97
C SER A 568 2.00 6.94 -9.13
N GLY A 569 0.89 7.17 -9.80
CA GLY A 569 0.33 8.50 -9.86
C GLY A 569 0.08 8.92 -8.44
N GLY A 570 -0.59 8.06 -7.68
CA GLY A 570 -0.93 8.36 -6.30
C GLY A 570 0.26 8.69 -5.41
N GLU A 571 1.25 7.80 -5.39
CA GLU A 571 2.39 8.00 -4.52
C GLU A 571 3.05 9.35 -4.82
N TYR A 572 3.02 9.75 -6.09
CA TYR A 572 3.73 10.94 -6.51
C TYR A 572 3.06 12.18 -5.96
N ILE A 573 1.72 12.22 -6.02
CA ILE A 573 0.98 13.39 -5.54
C ILE A 573 1.16 13.62 -4.05
N GLN A 574 1.25 12.55 -3.29
CA GLN A 574 1.36 12.74 -1.85
C GLN A 574 2.74 13.27 -1.55
N MET A 575 3.76 12.53 -1.96
CA MET A 575 5.10 12.88 -1.56
C MET A 575 5.45 14.27 -2.05
N SER A 576 5.22 14.53 -3.34
CA SER A 576 5.45 15.84 -3.93
C SER A 576 4.51 16.90 -3.36
N GLY A 577 3.41 16.49 -2.75
CA GLY A 577 2.45 17.42 -2.21
C GLY A 577 3.03 18.25 -1.08
N ARG A 578 4.19 17.82 -0.59
CA ARG A 578 4.85 18.44 0.54
C ARG A 578 5.63 19.71 0.16
N ALA A 579 6.01 19.84 -1.12
CA ALA A 579 6.73 20.99 -1.65
C ALA A 579 5.82 22.17 -1.97
N GLY A 580 6.21 23.35 -1.50
CA GLY A 580 5.39 24.54 -1.56
C GLY A 580 4.96 24.95 -0.16
N ARG A 581 5.09 26.24 0.14
CA ARG A 581 4.55 26.77 1.38
C ARG A 581 3.69 27.98 1.10
N ARG A 582 2.53 28.01 1.77
CA ARG A 582 1.56 29.10 1.60
C ARG A 582 2.17 30.46 1.95
N GLY A 583 2.20 31.38 0.98
CA GLY A 583 2.84 32.66 1.21
C GLY A 583 4.36 32.59 1.22
N LEU A 584 4.92 31.64 1.98
CA LEU A 584 6.37 31.51 2.12
C LEU A 584 7.07 30.94 0.89
N ASP A 585 6.33 30.80 -0.21
CA ASP A 585 6.85 30.21 -1.44
C ASP A 585 6.02 30.64 -2.65
N ASP A 586 6.66 31.28 -3.62
CA ASP A 586 5.98 31.71 -4.83
C ASP A 586 5.84 30.52 -5.77
N ARG A 587 6.50 29.42 -5.39
CA ARG A 587 6.35 28.13 -6.05
C ARG A 587 7.02 27.04 -5.22
N GLY A 588 6.44 25.84 -5.25
CA GLY A 588 7.09 24.68 -4.66
C GLY A 588 7.75 23.90 -5.75
N ILE A 589 8.88 23.30 -5.43
CA ILE A 589 9.73 22.70 -6.44
C ILE A 589 9.91 21.20 -6.27
N VAL A 590 9.70 20.49 -7.37
CA VAL A 590 9.82 19.04 -7.38
C VAL A 590 10.91 18.61 -8.34
N ILE A 591 11.86 17.85 -7.83
CA ILE A 591 13.04 17.44 -8.57
C ILE A 591 13.19 15.93 -8.53
N MET A 592 13.14 15.28 -9.68
CA MET A 592 12.98 13.84 -9.74
C MET A 592 14.13 13.05 -10.34
N MET A 593 15.15 12.74 -9.55
CA MET A 593 16.31 12.03 -10.06
C MET A 593 15.93 10.78 -10.79
N ILE A 594 16.04 10.85 -12.10
CA ILE A 594 15.75 9.71 -12.94
C ILE A 594 17.10 9.17 -13.42
N ASP A 595 17.08 7.99 -14.04
CA ASP A 595 18.29 7.24 -14.35
C ASP A 595 17.93 6.08 -15.27
N GLU A 596 16.87 6.25 -16.06
CA GLU A 596 16.38 5.18 -16.93
C GLU A 596 15.56 5.78 -18.03
N LYS A 597 15.81 5.33 -19.26
CA LYS A 597 15.04 5.80 -20.42
C LYS A 597 13.57 5.51 -20.15
N MET A 598 12.72 6.52 -20.22
CA MET A 598 11.32 6.31 -19.84
C MET A 598 10.33 6.96 -20.79
N GLU A 599 9.38 6.17 -21.26
CA GLU A 599 8.45 6.60 -22.31
C GLU A 599 7.63 7.78 -21.87
N PRO A 600 7.20 8.62 -22.82
CA PRO A 600 6.39 9.77 -22.48
C PRO A 600 5.14 9.39 -21.73
N GLN A 601 4.44 8.36 -22.17
CA GLN A 601 3.16 8.01 -21.53
C GLN A 601 3.34 7.38 -20.15
N VAL A 602 4.49 6.77 -19.88
CA VAL A 602 4.83 6.35 -18.53
C VAL A 602 4.93 7.54 -17.63
N ALA A 603 5.82 8.47 -17.94
CA ALA A 603 6.01 9.63 -17.09
C ALA A 603 4.79 10.55 -17.06
N LYS A 604 3.96 10.49 -18.09
CA LYS A 604 2.79 11.33 -18.07
C LYS A 604 1.81 10.79 -17.03
N GLY A 605 1.86 9.47 -16.86
CA GLY A 605 1.06 8.79 -15.87
C GLY A 605 1.57 9.04 -14.47
N MET A 606 2.87 9.25 -14.32
CA MET A 606 3.43 9.44 -13.00
C MET A 606 3.41 10.89 -12.54
N VAL A 607 3.74 11.81 -13.44
CA VAL A 607 3.84 13.22 -13.05
C VAL A 607 2.51 13.97 -13.22
N LYS A 608 1.69 13.52 -14.18
CA LYS A 608 0.34 14.05 -14.39
C LYS A 608 -0.70 12.95 -14.18
N GLY A 609 -0.53 12.16 -13.11
CA GLY A 609 -1.44 11.07 -12.78
C GLY A 609 -2.50 11.53 -11.80
N GLN A 610 -3.26 10.58 -11.22
CA GLN A 610 -4.29 10.92 -10.23
C GLN A 610 -4.06 10.10 -8.96
N ALA A 611 -4.77 10.41 -7.88
CA ALA A 611 -4.57 9.66 -6.64
C ALA A 611 -5.33 8.33 -6.66
N ASP A 612 -4.94 7.44 -5.76
CA ASP A 612 -5.48 6.09 -5.75
C ASP A 612 -6.97 6.13 -5.46
N ARG A 613 -7.71 5.18 -6.03
CA ARG A 613 -9.14 5.04 -5.75
C ARG A 613 -9.38 4.97 -4.26
N LEU A 614 -10.51 5.51 -3.79
CA LEU A 614 -10.98 5.07 -2.49
C LEU A 614 -11.76 3.80 -2.79
N ASP A 615 -11.19 2.69 -2.32
CA ASP A 615 -11.77 1.35 -2.42
C ASP A 615 -11.85 0.80 -1.02
N SER A 616 -12.91 0.05 -0.72
CA SER A 616 -13.17 -0.35 0.65
C SER A 616 -12.09 -1.25 1.19
N ALA A 617 -11.87 -1.18 2.49
CA ALA A 617 -11.02 -2.16 3.11
C ALA A 617 -11.75 -2.95 4.19
N PHE A 618 -13.07 -3.15 4.02
CA PHE A 618 -13.85 -3.84 5.04
C PHE A 618 -13.63 -5.34 5.02
N HIS A 619 -13.67 -5.98 6.19
CA HIS A 619 -13.72 -7.43 6.32
C HIS A 619 -14.14 -7.83 7.73
N LEU A 620 -14.83 -8.96 7.85
CA LEU A 620 -15.39 -9.41 9.14
C LEU A 620 -14.36 -10.03 10.09
N GLY A 621 -13.86 -9.23 11.02
CA GLY A 621 -13.04 -9.73 12.11
C GLY A 621 -13.91 -10.23 13.25
N TYR A 622 -13.39 -11.15 14.06
CA TYR A 622 -14.20 -11.76 15.11
C TYR A 622 -14.62 -10.73 16.19
N ASN A 623 -13.66 -10.14 16.91
CA ASN A 623 -13.95 -9.12 17.95
C ASN A 623 -14.83 -7.94 17.49
N MET A 624 -15.54 -8.17 16.39
CA MET A 624 -16.40 -7.20 15.78
C MET A 624 -17.67 -7.90 15.44
N ILE A 625 -17.54 -9.15 15.02
CA ILE A 625 -18.70 -10.00 14.76
C ILE A 625 -19.46 -10.19 16.04
N LEU A 626 -18.72 -10.57 17.08
CA LEU A 626 -19.27 -10.71 18.43
C LEU A 626 -20.03 -9.43 18.78
N ASN A 627 -19.32 -8.32 18.98
CA ASN A 627 -19.97 -7.00 19.15
C ASN A 627 -21.13 -6.73 18.19
N LEU A 628 -21.06 -7.23 16.96
CA LEU A 628 -22.25 -7.20 16.12
C LEU A 628 -23.34 -8.03 16.78
N MET A 629 -22.98 -9.24 17.21
CA MET A 629 -23.98 -10.16 17.76
C MET A 629 -24.62 -9.57 19.01
N ARG A 630 -23.80 -9.18 19.98
CA ARG A 630 -24.29 -8.75 21.29
C ARG A 630 -25.25 -7.54 21.23
N VAL A 631 -24.71 -6.33 21.13
CA VAL A 631 -25.55 -5.11 21.07
C VAL A 631 -26.67 -5.22 20.01
N GLU A 632 -27.86 -4.67 20.31
CA GLU A 632 -29.09 -5.01 19.59
C GLU A 632 -29.50 -4.12 18.40
N GLY A 633 -30.19 -4.72 17.43
CA GLY A 633 -30.63 -4.05 16.20
C GLY A 633 -29.71 -4.19 14.97
N ILE A 634 -28.52 -4.74 15.20
CA ILE A 634 -27.42 -4.58 14.28
C ILE A 634 -26.75 -5.92 13.90
N SER A 635 -27.31 -6.57 12.88
CA SER A 635 -26.80 -7.87 12.47
C SER A 635 -25.44 -7.77 11.78
N PRO A 636 -24.63 -8.83 11.90
CA PRO A 636 -23.50 -8.90 10.98
C PRO A 636 -24.05 -8.74 9.58
N GLU A 637 -24.92 -9.64 9.13
CA GLU A 637 -25.62 -9.56 7.84
C GLU A 637 -26.14 -8.14 7.48
N PHE A 638 -26.25 -7.27 8.47
CA PHE A 638 -26.70 -5.91 8.25
C PHE A 638 -25.51 -5.04 7.96
N MET A 639 -24.40 -5.35 8.63
CA MET A 639 -23.13 -4.67 8.38
C MET A 639 -22.70 -4.91 6.93
N LEU A 640 -22.40 -6.16 6.58
CA LEU A 640 -22.00 -6.54 5.22
C LEU A 640 -22.85 -5.88 4.14
N GLU A 641 -24.16 -6.04 4.24
CA GLU A 641 -25.04 -5.41 3.26
C GLU A 641 -24.91 -3.90 3.30
N HIS A 642 -24.29 -3.36 4.36
CA HIS A 642 -24.21 -1.92 4.52
C HIS A 642 -22.82 -1.38 4.31
N SER A 643 -21.85 -2.28 4.17
CA SER A 643 -20.46 -1.88 3.99
C SER A 643 -20.31 -1.19 2.64
N PHE A 644 -19.25 -0.41 2.54
CA PHE A 644 -18.89 0.27 1.30
C PHE A 644 -18.41 -0.78 0.35
N PHE A 645 -17.81 -1.81 0.94
CA PHE A 645 -17.28 -2.91 0.17
C PHE A 645 -18.34 -3.54 -0.69
N GLN A 646 -19.40 -4.00 -0.06
CA GLN A 646 -20.47 -4.66 -0.80
C GLN A 646 -21.12 -3.67 -1.74
N PHE A 647 -20.97 -2.39 -1.44
CA PHE A 647 -21.52 -1.37 -2.31
C PHE A 647 -20.78 -1.34 -3.60
N GLN A 648 -19.46 -1.27 -3.53
CA GLN A 648 -18.60 -1.15 -4.70
C GLN A 648 -18.81 -2.36 -5.59
N ASN A 649 -18.94 -3.51 -4.94
CA ASN A 649 -19.26 -4.75 -5.63
C ASN A 649 -20.61 -4.68 -6.35
N VAL A 650 -21.60 -4.06 -5.72
CA VAL A 650 -22.94 -3.90 -6.28
C VAL A 650 -22.96 -3.05 -7.56
N ILE A 651 -22.06 -2.07 -7.60
CA ILE A 651 -21.95 -1.20 -8.76
C ILE A 651 -21.25 -1.92 -9.93
N SER A 652 -20.37 -2.85 -9.62
CA SER A 652 -19.57 -3.48 -10.66
C SER A 652 -20.40 -4.44 -11.51
N VAL A 653 -21.54 -4.87 -10.98
CA VAL A 653 -22.33 -5.89 -11.66
C VAL A 653 -23.00 -5.44 -12.99
N PRO A 654 -23.59 -4.24 -13.06
CA PRO A 654 -24.07 -3.80 -14.39
C PRO A 654 -22.93 -3.54 -15.36
N VAL A 655 -21.76 -3.23 -14.82
CA VAL A 655 -20.57 -3.07 -15.63
C VAL A 655 -20.25 -4.40 -16.30
N MET A 656 -20.07 -5.44 -15.48
CA MET A 656 -19.85 -6.78 -15.99
C MET A 656 -20.90 -7.17 -17.03
N GLU A 657 -22.17 -6.97 -16.70
CA GLU A 657 -23.30 -7.34 -17.57
C GLU A 657 -23.19 -6.79 -18.97
N LYS A 658 -22.85 -5.51 -19.08
CA LYS A 658 -22.78 -4.85 -20.38
C LYS A 658 -21.73 -5.48 -21.28
N LYS A 659 -20.65 -5.96 -20.68
CA LYS A 659 -19.59 -6.61 -21.46
C LYS A 659 -19.92 -8.10 -21.69
N LEU A 660 -20.35 -8.81 -20.65
CA LEU A 660 -20.78 -10.20 -20.84
C LEU A 660 -21.93 -10.29 -21.86
N ALA A 661 -22.77 -9.28 -21.92
CA ALA A 661 -23.80 -9.22 -22.95
C ALA A 661 -23.18 -8.78 -24.27
N GLU A 662 -22.08 -8.03 -24.19
CA GLU A 662 -21.34 -7.61 -25.38
C GLU A 662 -20.52 -8.77 -25.95
N LEU A 663 -20.06 -9.66 -25.07
CA LEU A 663 -19.33 -10.87 -25.47
C LEU A 663 -20.26 -11.97 -25.95
N LYS A 664 -21.47 -12.02 -25.39
CA LYS A 664 -22.45 -13.02 -25.81
C LYS A 664 -22.97 -12.73 -27.22
N LYS A 665 -22.80 -11.51 -27.70
CA LYS A 665 -23.13 -11.23 -29.08
C LYS A 665 -22.03 -11.75 -30.00
N ASP A 666 -20.80 -11.78 -29.50
CA ASP A 666 -19.66 -12.10 -30.35
C ASP A 666 -19.34 -13.59 -30.44
N PHE A 667 -19.53 -14.34 -29.36
CA PHE A 667 -19.34 -15.80 -29.42
C PHE A 667 -20.47 -16.38 -30.26
N ASP A 668 -21.67 -15.84 -30.08
CA ASP A 668 -22.79 -16.17 -30.93
C ASP A 668 -22.79 -15.21 -32.12
N GLY A 669 -21.67 -15.18 -32.82
CA GLY A 669 -21.50 -14.40 -34.03
C GLY A 669 -20.49 -15.12 -34.93
N ILE A 670 -19.57 -15.83 -34.30
CA ILE A 670 -18.58 -16.64 -35.02
C ILE A 670 -19.12 -18.06 -35.23
N GLU A 671 -19.48 -18.38 -36.46
CA GLU A 671 -19.95 -19.73 -36.79
C GLU A 671 -18.94 -20.46 -37.70
N VAL A 672 -18.58 -21.68 -37.31
CA VAL A 672 -17.54 -22.44 -38.01
C VAL A 672 -18.02 -23.77 -38.59
N GLU A 673 -17.49 -24.09 -39.76
CA GLU A 673 -17.93 -25.22 -40.57
C GLU A 673 -17.52 -26.57 -40.03
N ASP A 674 -18.48 -27.49 -40.01
CA ASP A 674 -18.33 -28.78 -39.36
C ASP A 674 -17.83 -28.58 -37.94
N GLU A 675 -18.45 -27.61 -37.25
CA GLU A 675 -18.07 -27.26 -35.89
C GLU A 675 -17.93 -28.55 -35.10
N GLU A 676 -18.89 -29.44 -35.25
CA GLU A 676 -18.82 -30.74 -34.61
C GLU A 676 -17.54 -31.51 -34.98
N ASN A 677 -17.13 -31.45 -36.24
CA ASN A 677 -15.91 -32.15 -36.62
C ASN A 677 -14.65 -31.39 -36.14
N VAL A 678 -14.66 -30.06 -36.22
CA VAL A 678 -13.57 -29.21 -35.74
C VAL A 678 -13.31 -29.34 -34.25
N LYS A 679 -14.40 -29.27 -33.48
CA LYS A 679 -14.36 -29.36 -32.02
C LYS A 679 -13.63 -30.56 -31.49
N GLU A 680 -14.08 -31.75 -31.88
CA GLU A 680 -13.47 -32.98 -31.41
C GLU A 680 -12.01 -32.92 -31.73
N TYR A 681 -11.69 -32.34 -32.88
CA TYR A 681 -10.31 -32.11 -33.24
C TYR A 681 -9.67 -31.05 -32.32
N HIS A 682 -10.36 -29.92 -32.10
CA HIS A 682 -9.85 -28.89 -31.18
C HIS A 682 -9.60 -29.43 -29.79
N GLU A 683 -10.58 -30.12 -29.23
CA GLU A 683 -10.36 -30.68 -27.92
C GLU A 683 -9.18 -31.66 -27.92
N ILE A 684 -9.08 -32.54 -28.91
CA ILE A 684 -8.00 -33.54 -28.89
C ILE A 684 -6.66 -32.83 -28.86
N GLU A 685 -6.55 -31.73 -29.58
CA GLU A 685 -5.25 -31.06 -29.65
C GLU A 685 -4.95 -30.41 -28.30
N GLN A 686 -6.01 -30.02 -27.61
CA GLN A 686 -5.87 -29.36 -26.33
C GLN A 686 -5.53 -30.36 -25.22
N ALA A 687 -6.11 -31.54 -25.32
CA ALA A 687 -5.80 -32.63 -24.39
C ALA A 687 -4.33 -32.92 -24.48
N ILE A 688 -3.83 -32.85 -25.71
CA ILE A 688 -2.42 -33.02 -26.04
C ILE A 688 -1.59 -31.91 -25.42
N LYS A 689 -2.04 -30.68 -25.65
CA LYS A 689 -1.46 -29.49 -25.04
C LYS A 689 -1.24 -29.74 -23.56
N GLY A 690 -2.29 -30.22 -22.91
CA GLY A 690 -2.32 -30.36 -21.46
C GLY A 690 -1.45 -31.45 -20.88
N TYR A 691 -1.34 -32.56 -21.59
CA TYR A 691 -0.50 -33.66 -21.13
C TYR A 691 0.98 -33.34 -21.22
N ARG A 692 1.40 -32.69 -22.29
CA ARG A 692 2.83 -32.45 -22.46
C ARG A 692 3.27 -31.34 -21.51
N GLU A 693 2.33 -30.51 -21.11
CA GLU A 693 2.55 -29.60 -19.99
C GLU A 693 2.90 -30.43 -18.77
N ASP A 694 2.15 -31.50 -18.56
CA ASP A 694 2.42 -32.41 -17.46
C ASP A 694 3.83 -32.94 -17.63
N VAL A 695 4.22 -33.25 -18.86
CA VAL A 695 5.58 -33.68 -19.10
C VAL A 695 6.61 -32.62 -18.70
N ARG A 696 6.40 -31.39 -19.16
CA ARG A 696 7.32 -30.28 -18.83
C ARG A 696 7.50 -30.17 -17.33
N GLN A 697 6.39 -30.27 -16.60
CA GLN A 697 6.38 -30.16 -15.15
C GLN A 697 7.32 -31.18 -14.52
N VAL A 698 7.41 -32.36 -15.13
CA VAL A 698 8.30 -33.39 -14.65
C VAL A 698 9.76 -33.05 -14.89
N VAL A 699 10.08 -32.74 -16.14
CA VAL A 699 11.46 -32.47 -16.54
C VAL A 699 12.00 -31.29 -15.77
N THR A 700 11.25 -30.20 -15.82
CA THR A 700 11.66 -29.01 -15.13
C THR A 700 11.70 -29.13 -13.59
N HIS A 701 11.20 -30.23 -13.04
CA HIS A 701 11.25 -30.42 -11.59
C HIS A 701 12.69 -30.58 -11.10
N PRO A 702 13.02 -29.93 -9.98
CA PRO A 702 14.34 -29.92 -9.34
C PRO A 702 14.92 -31.27 -8.94
N ALA A 703 14.15 -32.35 -8.92
CA ALA A 703 14.77 -33.67 -8.70
C ALA A 703 15.58 -34.07 -9.94
N ASN A 704 15.07 -33.70 -11.10
CA ASN A 704 15.68 -34.11 -12.35
C ASN A 704 16.51 -33.02 -12.99
N ALA A 705 15.92 -31.85 -13.14
CA ALA A 705 16.57 -30.79 -13.89
C ALA A 705 17.92 -30.43 -13.33
N LEU A 706 17.97 -30.25 -12.01
CA LEU A 706 19.14 -29.67 -11.35
C LEU A 706 20.44 -30.40 -11.57
N SER A 707 20.38 -31.70 -11.81
CA SER A 707 21.58 -32.50 -11.95
C SER A 707 22.24 -32.17 -13.30
N PHE A 708 21.42 -31.68 -14.22
CA PHE A 708 21.89 -31.08 -15.47
C PHE A 708 22.13 -29.62 -15.16
N LEU A 709 22.03 -28.77 -16.16
CA LEU A 709 22.03 -27.33 -15.90
C LEU A 709 23.32 -26.81 -15.26
N GLN A 710 24.45 -27.20 -15.84
CA GLN A 710 25.73 -26.58 -15.51
C GLN A 710 25.89 -25.30 -16.34
N PRO A 711 26.77 -24.38 -15.90
CA PRO A 711 27.05 -23.19 -16.68
C PRO A 711 27.29 -23.50 -18.15
N GLY A 712 26.52 -22.83 -19.00
CA GLY A 712 26.57 -23.06 -20.43
C GLY A 712 25.42 -23.91 -20.93
N ARG A 713 24.69 -24.56 -20.03
CA ARG A 713 23.54 -25.33 -20.48
C ARG A 713 22.56 -24.43 -21.25
N LEU A 714 22.10 -24.94 -22.37
CA LEU A 714 21.13 -24.23 -23.17
C LEU A 714 19.72 -24.51 -22.66
N VAL A 715 18.98 -23.45 -22.43
CA VAL A 715 17.65 -23.56 -21.85
C VAL A 715 16.66 -22.71 -22.61
N GLU A 716 15.43 -23.18 -22.72
CA GLU A 716 14.38 -22.43 -23.42
C GLU A 716 13.50 -21.64 -22.44
N ILE A 717 13.55 -20.32 -22.52
CA ILE A 717 12.89 -19.45 -21.56
C ILE A 717 11.53 -18.95 -22.00
N SER A 718 10.46 -19.35 -21.30
CA SER A 718 9.21 -18.60 -21.37
C SER A 718 8.73 -18.30 -19.97
N VAL A 719 9.06 -17.10 -19.50
CA VAL A 719 8.89 -16.78 -18.09
C VAL A 719 7.46 -16.41 -17.81
N ASN A 720 6.88 -17.18 -16.89
CA ASN A 720 5.49 -17.07 -16.46
C ASN A 720 4.56 -17.25 -17.66
N GLY A 721 5.06 -17.97 -18.67
CA GLY A 721 4.28 -18.40 -19.82
C GLY A 721 3.99 -17.37 -20.91
N LYS A 722 4.22 -16.10 -20.60
CA LYS A 722 3.85 -15.04 -21.53
C LYS A 722 5.07 -14.34 -22.13
N ASP A 723 6.23 -14.45 -21.48
CA ASP A 723 7.40 -13.77 -22.00
C ASP A 723 8.40 -14.76 -22.54
N ASN A 724 8.31 -15.03 -23.84
CA ASN A 724 9.31 -15.85 -24.48
C ASN A 724 10.58 -15.01 -24.64
N TYR A 725 11.68 -15.54 -24.14
CA TYR A 725 13.01 -14.97 -24.35
C TYR A 725 13.85 -16.02 -25.07
N GLY A 726 13.17 -17.01 -25.63
CA GLY A 726 13.79 -18.06 -26.42
C GLY A 726 14.89 -18.79 -25.70
N TRP A 727 15.83 -19.35 -26.45
CA TRP A 727 16.95 -20.02 -25.83
C TRP A 727 17.92 -19.03 -25.21
N GLY A 728 18.55 -19.49 -24.15
CA GLY A 728 19.52 -18.73 -23.40
C GLY A 728 20.45 -19.75 -22.79
N ALA A 729 21.44 -19.29 -22.04
CA ALA A 729 22.36 -20.23 -21.42
C ALA A 729 22.45 -20.01 -19.93
N VAL A 730 22.51 -21.11 -19.20
CA VAL A 730 22.59 -21.08 -17.76
C VAL A 730 23.86 -20.46 -17.27
N VAL A 731 23.76 -19.48 -16.39
CA VAL A 731 24.96 -18.98 -15.75
C VAL A 731 25.20 -19.75 -14.47
N ASP A 732 24.13 -19.96 -13.69
CA ASP A 732 24.18 -20.67 -12.41
C ASP A 732 22.78 -20.82 -11.84
N PHE A 733 22.66 -21.46 -10.67
CA PHE A 733 21.40 -21.46 -9.91
C PHE A 733 21.65 -21.57 -8.38
N ALA A 734 20.58 -21.39 -7.58
CA ALA A 734 20.66 -21.44 -6.11
C ALA A 734 19.33 -21.75 -5.47
N LYS A 735 19.37 -22.51 -4.37
CA LYS A 735 18.21 -22.67 -3.50
C LYS A 735 17.69 -21.28 -3.17
N ARG A 736 16.40 -21.05 -3.38
CA ARG A 736 15.86 -19.72 -3.10
C ARG A 736 15.91 -19.39 -1.63
N ILE A 737 16.37 -18.18 -1.31
CA ILE A 737 16.44 -17.76 0.08
C ILE A 737 15.46 -16.60 0.36
N ASN A 738 14.22 -16.88 0.78
CA ASN A 738 13.27 -15.78 0.98
C ASN A 738 13.50 -15.05 2.30
N LYS A 739 14.20 -13.92 2.22
CA LYS A 739 14.67 -13.21 3.40
C LYS A 739 13.62 -12.29 4.03
N ARG A 740 12.79 -11.68 3.18
CA ARG A 740 11.72 -10.80 3.63
C ARG A 740 10.71 -11.56 4.48
N ASN A 741 10.55 -12.85 4.18
CA ASN A 741 9.65 -13.70 4.94
C ASN A 741 10.37 -14.99 5.37
N PRO A 742 10.61 -15.12 6.67
CA PRO A 742 11.23 -16.34 7.22
C PRO A 742 10.39 -17.61 6.95
N SER A 743 9.15 -17.63 7.44
CA SER A 743 8.34 -18.85 7.41
C SER A 743 7.69 -19.12 6.04
N ALA A 744 8.22 -18.48 5.00
CA ALA A 744 7.66 -18.60 3.65
C ALA A 744 7.86 -19.98 3.01
N VAL A 745 6.82 -20.39 2.29
CA VAL A 745 6.80 -21.65 1.57
C VAL A 745 6.64 -21.39 0.07
N TYR A 746 7.41 -22.13 -0.72
CA TYR A 746 7.45 -22.02 -2.17
C TYR A 746 7.11 -23.34 -2.83
N THR A 747 6.63 -23.31 -4.06
CA THR A 747 6.46 -24.54 -4.86
C THR A 747 7.83 -25.23 -5.01
N ASP A 748 7.87 -26.52 -5.36
CA ASP A 748 9.15 -27.16 -5.70
C ASP A 748 9.82 -26.47 -6.89
N HIS A 749 9.00 -25.99 -7.83
CA HIS A 749 9.54 -25.30 -8.99
C HIS A 749 9.96 -23.87 -8.67
N GLU A 750 9.25 -23.22 -7.75
CA GLU A 750 9.52 -21.82 -7.43
C GLU A 750 10.62 -21.71 -6.39
N SER A 751 11.15 -22.87 -5.99
CA SER A 751 12.05 -23.01 -4.84
C SER A 751 13.52 -22.91 -5.18
N TYR A 752 13.83 -23.01 -6.46
CA TYR A 752 15.18 -22.78 -6.95
C TYR A 752 15.16 -21.66 -7.97
N ILE A 753 16.15 -20.78 -7.92
CA ILE A 753 16.24 -19.67 -8.86
C ILE A 753 17.36 -19.84 -9.91
N VAL A 754 17.03 -19.67 -11.18
CA VAL A 754 18.04 -19.84 -12.21
C VAL A 754 18.39 -18.55 -12.96
N ASN A 755 19.68 -18.26 -13.05
CA ASN A 755 20.18 -17.17 -13.88
C ASN A 755 20.40 -17.65 -15.28
N VAL A 756 19.98 -16.87 -16.25
CA VAL A 756 20.14 -17.24 -17.65
C VAL A 756 20.63 -16.04 -18.45
N VAL A 757 21.55 -16.26 -19.36
CA VAL A 757 21.77 -15.22 -20.33
C VAL A 757 20.81 -15.43 -21.48
N VAL A 758 20.01 -14.40 -21.75
CA VAL A 758 19.22 -14.33 -22.96
C VAL A 758 19.70 -13.13 -23.72
N ASN A 759 19.53 -13.16 -25.03
CA ASN A 759 19.96 -12.07 -25.89
C ASN A 759 18.78 -11.40 -26.55
N THR A 760 17.59 -11.79 -26.11
CA THR A 760 16.35 -11.38 -26.75
C THR A 760 15.66 -10.27 -25.98
N MET A 761 16.38 -9.72 -25.02
CA MET A 761 15.88 -8.66 -24.16
C MET A 761 15.60 -7.33 -24.85
N TYR A 762 14.36 -6.85 -24.80
CA TYR A 762 14.05 -5.47 -25.25
C TYR A 762 15.10 -4.48 -24.76
N ILE A 763 15.50 -3.56 -25.62
CA ILE A 763 16.71 -2.78 -25.38
C ILE A 763 16.53 -1.73 -24.29
N ASP A 764 15.27 -1.37 -24.03
CA ASP A 764 15.01 -0.30 -23.09
C ASP A 764 14.68 -0.82 -21.71
N SER A 765 14.61 -2.15 -21.57
CA SER A 765 14.36 -2.80 -20.29
C SER A 765 15.36 -2.32 -19.26
N PRO A 766 14.87 -1.76 -18.15
CA PRO A 766 15.79 -1.21 -17.15
C PRO A 766 16.44 -2.35 -16.39
N VAL A 767 17.30 -3.09 -17.08
CA VAL A 767 17.96 -4.29 -16.59
C VAL A 767 18.89 -3.98 -15.41
N ASN A 768 19.21 -2.71 -15.27
CA ASN A 768 19.93 -2.20 -14.11
C ASN A 768 19.16 -2.47 -12.82
N LEU A 769 17.89 -2.78 -12.96
CA LEU A 769 17.01 -2.93 -11.80
C LEU A 769 16.84 -4.33 -11.24
N LEU A 770 17.09 -5.37 -12.02
CA LEU A 770 16.78 -6.66 -11.44
C LEU A 770 17.90 -7.06 -10.48
N LYS A 771 17.47 -7.60 -9.34
CA LYS A 771 18.31 -7.89 -8.20
C LYS A 771 18.65 -9.38 -8.18
N PRO A 772 19.58 -9.81 -7.30
CA PRO A 772 20.05 -11.20 -7.40
C PRO A 772 19.06 -12.28 -6.98
N PHE A 773 18.94 -13.31 -7.83
CA PHE A 773 18.04 -14.45 -7.58
C PHE A 773 16.63 -14.07 -7.15
N ASN A 774 16.11 -13.03 -7.78
CA ASN A 774 14.79 -12.51 -7.51
C ASN A 774 14.08 -12.41 -8.85
N PRO A 775 13.32 -13.46 -9.19
CA PRO A 775 12.73 -13.66 -10.51
C PRO A 775 11.50 -12.81 -10.73
N THR A 776 11.27 -11.83 -9.86
CA THR A 776 10.26 -10.82 -10.16
C THR A 776 10.91 -9.72 -11.00
N LEU A 777 10.61 -9.76 -12.29
CA LEU A 777 11.22 -8.88 -13.25
C LEU A 777 10.41 -7.60 -13.34
N PRO A 778 11.02 -6.46 -12.98
CA PRO A 778 10.40 -5.14 -12.90
C PRO A 778 9.51 -4.79 -14.08
N GLU A 779 8.50 -3.97 -13.85
CA GLU A 779 7.66 -3.53 -14.95
C GLU A 779 8.56 -2.66 -15.81
N GLY A 780 8.59 -2.97 -17.11
CA GLY A 780 9.49 -2.30 -18.02
C GLY A 780 10.49 -3.25 -18.63
N ILE A 781 10.71 -4.38 -17.96
CA ILE A 781 11.60 -5.43 -18.44
C ILE A 781 10.83 -6.49 -19.21
N ARG A 782 10.86 -6.36 -20.54
CA ARG A 782 10.14 -7.24 -21.44
C ARG A 782 11.09 -7.85 -22.49
N PRO A 783 10.63 -8.91 -23.19
CA PRO A 783 11.39 -9.38 -24.36
C PRO A 783 11.03 -8.55 -25.58
N ALA A 784 11.98 -8.31 -26.49
CA ALA A 784 11.68 -7.52 -27.69
C ALA A 784 10.87 -8.32 -28.73
N GLU A 785 9.82 -7.69 -29.29
CA GLU A 785 8.97 -8.36 -30.27
C GLU A 785 9.44 -8.11 -31.72
N GLU A 786 8.67 -8.59 -32.69
CA GLU A 786 9.04 -8.50 -34.10
C GLU A 786 9.33 -7.07 -34.49
N GLY A 787 10.59 -6.74 -34.69
CA GLY A 787 10.99 -5.40 -35.12
C GLY A 787 11.47 -4.43 -34.04
N GLU A 788 11.93 -4.98 -32.92
CA GLU A 788 12.53 -4.16 -31.87
C GLU A 788 14.03 -4.48 -31.75
N LYS A 789 14.75 -3.60 -31.07
CA LYS A 789 16.15 -3.84 -30.75
C LYS A 789 16.29 -4.72 -29.52
N SER A 790 17.37 -5.50 -29.43
CA SER A 790 17.57 -6.39 -28.29
C SER A 790 18.92 -6.19 -27.63
N ILE A 791 19.15 -6.83 -26.50
CA ILE A 791 20.46 -6.79 -25.87
C ILE A 791 20.73 -8.12 -25.18
N CYS A 792 21.89 -8.24 -24.55
CA CYS A 792 22.19 -9.41 -23.76
C CYS A 792 22.01 -9.04 -22.30
N ALA A 793 21.29 -9.87 -21.53
CA ALA A 793 21.11 -9.66 -20.10
C ALA A 793 21.10 -10.97 -19.31
N VAL A 794 21.38 -10.84 -18.02
CA VAL A 794 21.28 -11.95 -17.08
C VAL A 794 20.04 -11.80 -16.22
N ILE A 795 19.04 -12.64 -16.46
CA ILE A 795 17.83 -12.60 -15.66
C ILE A 795 17.64 -13.80 -14.75
N PRO A 796 17.00 -13.59 -13.58
CA PRO A 796 16.69 -14.66 -12.66
C PRO A 796 15.34 -15.26 -12.99
N ILE A 797 15.25 -16.59 -13.02
CA ILE A 797 13.98 -17.23 -13.29
C ILE A 797 13.72 -18.35 -12.29
N THR A 798 12.49 -18.86 -12.26
CA THR A 798 12.22 -20.06 -11.50
C THR A 798 12.15 -21.19 -12.50
N LEU A 799 12.06 -22.42 -12.02
CA LEU A 799 12.01 -23.56 -12.92
C LEU A 799 10.65 -23.65 -13.64
N ASP A 800 9.76 -22.72 -13.33
CA ASP A 800 8.47 -22.62 -13.99
C ASP A 800 8.60 -21.70 -15.20
N SER A 801 9.70 -20.97 -15.25
CA SER A 801 9.95 -20.07 -16.36
C SER A 801 10.64 -20.82 -17.48
N ILE A 802 11.01 -22.08 -17.23
CA ILE A 802 11.78 -22.88 -18.21
C ILE A 802 10.94 -23.76 -19.14
N LYS A 803 11.05 -23.51 -20.44
CA LYS A 803 10.29 -24.25 -21.43
C LYS A 803 11.00 -25.54 -21.87
N SER A 804 12.33 -25.51 -21.98
CA SER A 804 13.08 -26.73 -22.32
C SER A 804 14.57 -26.64 -22.03
N ILE A 805 15.17 -27.78 -21.71
CA ILE A 805 16.63 -27.91 -21.55
C ILE A 805 17.24 -28.49 -22.82
N GLY A 806 18.17 -27.76 -23.45
CA GLY A 806 18.86 -28.29 -24.62
C GLY A 806 19.85 -29.35 -24.23
N ASN A 807 20.26 -30.12 -25.23
CA ASN A 807 21.33 -31.10 -25.05
C ASN A 807 22.68 -30.47 -25.35
N LEU A 808 22.89 -29.24 -24.90
CA LEU A 808 24.10 -28.50 -25.26
C LEU A 808 24.64 -27.60 -24.17
N ARG A 809 25.96 -27.52 -24.11
CA ARG A 809 26.61 -26.57 -23.21
C ARG A 809 27.56 -25.64 -23.98
N LEU A 810 27.40 -24.34 -23.80
CA LEU A 810 28.40 -23.41 -24.30
C LEU A 810 29.30 -22.94 -23.15
N TYR A 811 30.34 -22.17 -23.48
CA TYR A 811 31.30 -21.71 -22.48
C TYR A 811 30.77 -20.52 -21.72
N MET A 812 30.81 -20.65 -20.40
CA MET A 812 30.38 -19.59 -19.50
C MET A 812 31.56 -19.02 -18.72
N PRO A 813 31.94 -17.77 -19.01
CA PRO A 813 32.97 -17.09 -18.23
C PRO A 813 32.57 -16.99 -16.76
N LYS A 814 33.39 -17.53 -15.86
CA LYS A 814 33.19 -17.33 -14.43
C LYS A 814 33.48 -15.87 -14.07
N ASP A 815 34.01 -15.13 -15.05
CA ASP A 815 34.24 -13.69 -14.91
C ASP A 815 32.97 -12.91 -15.19
N ILE A 816 31.85 -13.45 -14.70
CA ILE A 816 30.54 -12.80 -14.65
C ILE A 816 30.10 -12.14 -15.97
N ARG A 817 29.36 -11.06 -15.81
CA ARG A 817 29.18 -10.04 -16.83
C ARG A 817 30.16 -8.94 -16.45
N ALA A 818 31.42 -9.18 -16.78
CA ALA A 818 32.46 -8.20 -16.53
C ALA A 818 32.97 -7.67 -17.87
N SER A 819 32.52 -6.48 -18.24
CA SER A 819 33.10 -5.70 -19.34
C SER A 819 33.16 -6.42 -20.69
N GLY A 820 32.01 -6.87 -21.18
CA GLY A 820 31.98 -7.53 -22.48
C GLY A 820 31.84 -9.04 -22.42
N GLN A 821 32.16 -9.62 -21.26
CA GLN A 821 32.14 -11.06 -21.11
C GLN A 821 30.75 -11.59 -21.42
N LYS A 822 29.71 -10.89 -20.96
CA LYS A 822 28.35 -11.34 -21.23
C LYS A 822 27.97 -11.05 -22.69
N GLU A 823 28.69 -10.12 -23.32
CA GLU A 823 28.42 -9.78 -24.71
C GLU A 823 28.98 -10.84 -25.63
N THR A 824 30.17 -11.33 -25.31
CA THR A 824 30.76 -12.40 -26.09
C THR A 824 29.87 -13.64 -26.09
N VAL A 825 29.35 -14.01 -24.92
CA VAL A 825 28.39 -15.11 -24.82
C VAL A 825 27.19 -14.77 -25.69
N GLY A 826 26.82 -13.50 -25.69
CA GLY A 826 25.79 -13.03 -26.58
C GLY A 826 26.14 -13.37 -28.02
N LYS A 827 27.42 -13.29 -28.36
CA LYS A 827 27.82 -13.62 -29.72
C LYS A 827 27.78 -15.14 -29.92
N SER A 828 28.07 -15.90 -28.86
CA SER A 828 28.00 -17.35 -28.93
C SER A 828 26.56 -17.84 -29.03
N LEU A 829 25.64 -17.15 -28.36
CA LEU A 829 24.23 -17.46 -28.49
C LEU A 829 23.79 -17.14 -29.90
N ARG A 830 24.23 -15.99 -30.40
CA ARG A 830 23.92 -15.63 -31.77
C ARG A 830 24.42 -16.73 -32.69
N GLU A 831 25.63 -17.22 -32.42
CA GLU A 831 26.18 -18.32 -33.21
C GLU A 831 25.32 -19.57 -33.15
N VAL A 832 24.97 -19.99 -31.94
CA VAL A 832 24.28 -21.25 -31.71
C VAL A 832 22.83 -21.18 -32.19
N ASN A 833 22.24 -19.99 -32.09
CA ASN A 833 20.88 -19.77 -32.57
C ASN A 833 20.82 -19.68 -34.09
N ARG A 834 21.92 -19.23 -34.68
CA ARG A 834 22.04 -19.28 -36.14
C ARG A 834 22.36 -20.71 -36.61
N ARG A 835 23.04 -21.49 -35.78
CA ARG A 835 23.39 -22.88 -36.14
C ARG A 835 22.22 -23.85 -35.99
N PHE A 836 21.19 -23.45 -35.23
CA PHE A 836 19.93 -24.20 -35.13
C PHE A 836 18.74 -23.28 -35.31
N PRO A 837 18.42 -22.94 -36.56
CA PRO A 837 17.30 -22.04 -36.84
C PRO A 837 15.99 -22.65 -36.39
N ASP A 838 15.88 -23.97 -36.58
CA ASP A 838 14.65 -24.70 -36.28
C ASP A 838 14.48 -24.86 -34.76
N GLY A 839 15.57 -25.23 -34.10
CA GLY A 839 15.56 -25.39 -32.67
C GLY A 839 16.72 -26.21 -32.14
N ILE A 840 16.99 -26.08 -30.85
CA ILE A 840 18.07 -26.82 -30.21
C ILE A 840 17.56 -28.19 -29.73
N PRO A 841 18.30 -29.25 -30.10
CA PRO A 841 17.99 -30.63 -29.70
C PRO A 841 17.79 -30.73 -28.19
N VAL A 842 16.58 -31.12 -27.81
CA VAL A 842 16.27 -31.16 -26.40
C VAL A 842 16.69 -32.51 -25.83
N LEU A 843 17.20 -32.49 -24.60
CA LEU A 843 17.44 -33.70 -23.82
C LEU A 843 16.22 -34.60 -23.78
N ASP A 844 16.38 -35.83 -24.24
CA ASP A 844 15.34 -36.83 -24.04
C ASP A 844 15.25 -37.26 -22.57
N PRO A 845 14.05 -37.11 -21.98
CA PRO A 845 13.77 -37.52 -20.61
C PRO A 845 14.25 -38.92 -20.31
N VAL A 846 13.98 -39.84 -21.22
CA VAL A 846 14.33 -41.23 -20.99
C VAL A 846 15.77 -41.58 -21.36
N LYS A 847 16.19 -41.21 -22.56
CA LYS A 847 17.49 -41.66 -23.03
C LYS A 847 18.60 -40.85 -22.40
N ASN A 848 18.27 -39.68 -21.89
CA ASN A 848 19.31 -38.84 -21.31
C ASN A 848 19.19 -38.67 -19.81
N MET A 849 17.96 -38.53 -19.33
CA MET A 849 17.77 -38.07 -17.97
C MET A 849 17.47 -39.18 -16.98
N LYS A 850 17.45 -40.41 -17.46
CA LYS A 850 17.22 -41.58 -16.61
C LYS A 850 15.88 -41.44 -15.87
N ILE A 851 14.94 -40.76 -16.49
CA ILE A 851 13.60 -40.63 -15.93
C ILE A 851 12.75 -41.79 -16.40
N GLU A 852 12.36 -42.66 -15.48
CA GLU A 852 11.64 -43.86 -15.87
C GLU A 852 10.46 -44.20 -14.95
N ASP A 853 9.88 -43.18 -14.31
CA ASP A 853 8.70 -43.34 -13.45
C ASP A 853 7.58 -44.04 -14.19
N GLU A 854 6.92 -44.97 -13.52
CA GLU A 854 5.79 -45.69 -14.11
C GLU A 854 4.72 -44.66 -14.49
N ASP A 855 4.56 -43.67 -13.61
CA ASP A 855 3.59 -42.60 -13.79
C ASP A 855 3.95 -41.76 -15.00
N PHE A 856 5.24 -41.60 -15.24
CA PHE A 856 5.74 -40.79 -16.35
C PHE A 856 5.40 -41.42 -17.70
N LEU A 857 5.71 -42.71 -17.84
CA LEU A 857 5.57 -43.42 -19.11
C LEU A 857 4.15 -43.49 -19.62
N LYS A 858 3.22 -43.72 -18.69
CA LYS A 858 1.80 -43.81 -19.00
C LYS A 858 1.32 -42.50 -19.65
N LEU A 859 1.87 -41.40 -19.15
CA LEU A 859 1.62 -40.06 -19.67
C LEU A 859 2.06 -39.97 -21.13
N MET A 860 3.31 -40.36 -21.39
CA MET A 860 3.85 -40.38 -22.72
C MET A 860 3.01 -41.29 -23.63
N LYS A 861 2.53 -42.39 -23.07
CA LYS A 861 1.66 -43.30 -23.82
C LYS A 861 0.37 -42.59 -24.21
N LYS A 862 -0.23 -41.87 -23.26
CA LYS A 862 -1.46 -41.14 -23.56
C LYS A 862 -1.24 -40.20 -24.71
N ILE A 863 -0.05 -39.63 -24.74
CA ILE A 863 0.33 -38.68 -25.77
C ILE A 863 0.35 -39.33 -27.14
N ASP A 864 0.87 -40.55 -27.22
CA ASP A 864 0.89 -41.26 -28.49
C ASP A 864 -0.52 -41.65 -28.90
N VAL A 865 -1.32 -42.03 -27.91
CA VAL A 865 -2.70 -42.40 -28.12
C VAL A 865 -3.51 -41.25 -28.74
N LEU A 866 -3.26 -40.03 -28.27
CA LEU A 866 -3.96 -38.88 -28.81
C LEU A 866 -3.41 -38.53 -30.17
N ASN A 867 -2.08 -38.39 -30.22
CA ASN A 867 -1.40 -38.05 -31.45
C ASN A 867 -1.86 -38.96 -32.56
N THR A 868 -2.32 -40.15 -32.21
CA THR A 868 -2.94 -41.02 -33.19
C THR A 868 -4.33 -40.54 -33.59
N LYS A 869 -5.25 -40.49 -32.65
CA LYS A 869 -6.62 -40.10 -32.95
C LYS A 869 -6.68 -38.75 -33.67
N LEU A 870 -5.68 -37.93 -33.39
CA LEU A 870 -5.62 -36.60 -33.93
C LEU A 870 -5.23 -36.67 -35.38
N SER A 871 -4.14 -37.40 -35.65
CA SER A 871 -3.62 -37.60 -37.00
C SER A 871 -4.70 -38.28 -37.84
N SER A 872 -5.30 -39.30 -37.24
CA SER A 872 -6.38 -40.06 -37.84
C SER A 872 -7.69 -39.29 -37.97
N ASN A 873 -7.64 -37.97 -37.81
CA ASN A 873 -8.80 -37.12 -38.04
C ASN A 873 -8.83 -36.65 -39.48
N PRO A 874 -10.02 -36.62 -40.09
CA PRO A 874 -10.22 -36.12 -41.45
C PRO A 874 -9.95 -34.64 -41.55
N LEU A 875 -9.05 -34.12 -40.75
CA LEU A 875 -8.41 -32.89 -41.12
C LEU A 875 -6.97 -33.30 -41.42
N THR A 876 -6.89 -34.18 -42.42
CA THR A 876 -5.74 -34.39 -43.30
C THR A 876 -5.58 -33.16 -44.11
N ASN A 877 -4.82 -32.19 -43.58
CA ASN A 877 -4.58 -30.94 -44.27
C ASN A 877 -5.88 -30.47 -44.91
N SER A 878 -6.85 -30.06 -44.12
CA SER A 878 -8.13 -29.79 -44.73
C SER A 878 -8.11 -28.53 -45.59
N MET A 879 -6.92 -28.07 -45.98
CA MET A 879 -6.75 -26.85 -46.77
C MET A 879 -7.34 -25.60 -46.08
N ARG A 880 -8.18 -25.83 -45.07
CA ARG A 880 -8.86 -24.78 -44.34
C ARG A 880 -8.64 -25.06 -42.88
N LEU A 881 -7.72 -25.97 -42.58
CA LEU A 881 -7.50 -26.37 -41.19
C LEU A 881 -7.07 -25.18 -40.35
N GLU A 882 -6.12 -24.40 -40.84
CA GLU A 882 -5.71 -23.20 -40.14
C GLU A 882 -6.82 -22.13 -40.16
N GLU A 883 -7.79 -22.26 -41.05
CA GLU A 883 -8.82 -21.23 -41.13
C GLU A 883 -9.96 -21.59 -40.25
N LEU A 884 -10.27 -22.88 -40.18
CA LEU A 884 -11.41 -23.31 -39.40
C LEU A 884 -11.07 -23.56 -37.94
N TYR A 885 -9.80 -23.83 -37.69
CA TYR A 885 -9.29 -23.91 -36.35
C TYR A 885 -9.33 -22.53 -35.77
N GLY A 886 -8.67 -21.61 -36.46
CA GLY A 886 -8.62 -20.23 -36.04
C GLY A 886 -9.98 -19.66 -35.76
N LYS A 887 -10.94 -20.02 -36.61
CA LYS A 887 -12.31 -19.56 -36.43
C LYS A 887 -12.91 -20.16 -35.18
N TYR A 888 -12.73 -21.47 -34.97
CA TYR A 888 -13.30 -22.10 -33.79
C TYR A 888 -12.54 -21.81 -32.51
N SER A 889 -11.23 -21.61 -32.60
CA SER A 889 -10.49 -21.34 -31.39
C SER A 889 -10.95 -20.00 -30.82
N ARG A 890 -11.20 -19.02 -31.69
CA ARG A 890 -11.73 -17.75 -31.21
C ARG A 890 -13.09 -17.96 -30.54
N LYS A 891 -13.88 -18.88 -31.08
CA LYS A 891 -15.20 -19.18 -30.51
C LYS A 891 -15.04 -19.76 -29.11
N HIS A 892 -14.02 -20.60 -28.94
CA HIS A 892 -13.78 -21.32 -27.68
C HIS A 892 -13.15 -20.40 -26.64
N ASP A 893 -12.22 -19.56 -27.09
CA ASP A 893 -11.63 -18.53 -26.22
C ASP A 893 -12.68 -17.56 -25.66
N LEU A 894 -13.58 -17.10 -26.53
CA LEU A 894 -14.70 -16.28 -26.09
C LEU A 894 -15.68 -17.06 -25.22
N HIS A 895 -15.76 -18.37 -25.41
CA HIS A 895 -16.67 -19.17 -24.59
C HIS A 895 -16.14 -19.29 -23.17
N GLU A 896 -14.88 -19.65 -23.00
CA GLU A 896 -14.34 -19.78 -21.65
C GLU A 896 -14.29 -18.41 -20.95
N ASP A 897 -14.19 -17.34 -21.74
CA ASP A 897 -14.20 -15.98 -21.20
C ASP A 897 -15.58 -15.52 -20.77
N MET A 898 -16.59 -15.98 -21.51
CA MET A 898 -17.98 -15.70 -21.15
C MET A 898 -18.37 -16.50 -19.92
N LYS A 899 -17.69 -17.60 -19.67
CA LYS A 899 -17.88 -18.36 -18.43
C LYS A 899 -17.40 -17.55 -17.22
N GLN A 900 -16.15 -17.08 -17.27
CA GLN A 900 -15.54 -16.33 -16.15
C GLN A 900 -16.19 -14.97 -15.83
N LEU A 901 -16.86 -14.38 -16.82
CA LEU A 901 -17.63 -13.16 -16.60
C LEU A 901 -19.07 -13.53 -16.23
N LYS A 902 -19.44 -14.77 -16.51
CA LYS A 902 -20.72 -15.32 -16.03
C LYS A 902 -20.62 -15.66 -14.53
N ARG A 903 -19.39 -15.87 -14.06
CA ARG A 903 -19.12 -16.21 -12.68
C ARG A 903 -18.95 -14.99 -11.80
N LYS A 904 -18.10 -14.05 -12.23
CA LYS A 904 -17.92 -12.81 -11.47
C LYS A 904 -19.26 -12.10 -11.36
N ILE A 905 -20.03 -12.16 -12.44
CA ILE A 905 -21.42 -11.68 -12.45
C ILE A 905 -22.30 -12.53 -11.52
N SER A 906 -23.44 -11.98 -11.12
CA SER A 906 -24.40 -12.60 -10.18
C SER A 906 -23.91 -12.62 -8.70
N GLU A 907 -22.76 -13.22 -8.43
CA GLU A 907 -22.24 -13.34 -7.07
C GLU A 907 -22.03 -11.98 -6.41
N ALA A 910 -23.05 -8.50 -1.90
CA ALA A 910 -22.96 -8.94 -0.51
C ALA A 910 -22.70 -10.42 -0.43
N VAL A 911 -23.34 -11.16 -1.34
CA VAL A 911 -23.30 -12.63 -1.35
C VAL A 911 -21.90 -13.23 -1.48
N ILE A 912 -20.88 -12.37 -1.56
CA ILE A 912 -19.48 -12.78 -1.55
C ILE A 912 -18.90 -12.72 -0.13
N GLN A 913 -19.18 -11.63 0.58
CA GLN A 913 -18.66 -11.45 1.92
C GLN A 913 -19.26 -12.46 2.92
N LEU A 914 -20.44 -12.99 2.59
CA LEU A 914 -21.23 -13.80 3.52
C LEU A 914 -20.55 -15.08 3.99
N ASP A 915 -19.71 -15.63 3.14
CA ASP A 915 -19.12 -16.91 3.46
C ASP A 915 -18.18 -16.80 4.66
N ASP A 916 -17.24 -15.86 4.63
CA ASP A 916 -16.33 -15.65 5.76
C ASP A 916 -17.18 -15.39 6.99
N LEU A 917 -18.29 -14.67 6.81
CA LEU A 917 -19.24 -14.50 7.90
C LEU A 917 -19.77 -15.85 8.33
N ARG A 918 -20.43 -16.55 7.43
CA ARG A 918 -20.90 -17.91 7.72
C ARG A 918 -19.79 -18.77 8.34
N ARG A 919 -18.63 -18.74 7.72
CA ARG A 919 -17.52 -19.61 8.16
C ARG A 919 -16.89 -19.14 9.44
N ARG A 920 -16.92 -17.85 9.70
CA ARG A 920 -16.35 -17.38 10.94
C ARG A 920 -17.27 -17.77 12.10
N LYS A 921 -18.60 -17.72 11.88
CA LYS A 921 -19.53 -18.19 12.90
C LYS A 921 -19.36 -19.68 13.10
N ARG A 922 -19.31 -20.47 12.03
CA ARG A 922 -19.07 -21.92 12.15
C ARG A 922 -17.83 -22.17 12.99
N VAL A 923 -16.79 -21.38 12.81
CA VAL A 923 -15.63 -21.45 13.71
C VAL A 923 -16.02 -20.98 15.12
N LEU A 924 -16.73 -19.85 15.17
CA LEU A 924 -17.05 -19.18 16.44
C LEU A 924 -17.89 -20.05 17.36
N ARG A 925 -18.95 -20.62 16.81
CA ARG A 925 -19.84 -21.50 17.55
C ARG A 925 -19.09 -22.69 18.14
N ARG A 926 -18.12 -23.23 17.40
CA ARG A 926 -17.30 -24.33 17.91
C ARG A 926 -16.39 -23.87 19.07
N LEU A 927 -16.78 -22.79 19.74
CA LEU A 927 -15.91 -22.08 20.66
C LEU A 927 -16.65 -21.20 21.68
N GLY A 928 -16.95 -19.96 21.27
CA GLY A 928 -17.41 -18.93 22.20
C GLY A 928 -18.80 -18.40 22.00
N PHE A 929 -19.25 -18.26 20.77
CA PHE A 929 -20.65 -17.99 20.54
C PHE A 929 -21.37 -19.32 20.68
N CYS A 930 -22.65 -19.29 21.04
CA CYS A 930 -23.48 -20.49 21.07
C CYS A 930 -23.96 -20.79 19.64
N THR A 931 -24.46 -22.00 19.41
CA THR A 931 -24.91 -22.40 18.07
C THR A 931 -26.13 -21.65 17.47
N PRO A 932 -26.93 -20.95 18.29
CA PRO A 932 -27.88 -20.04 17.63
C PRO A 932 -27.29 -18.67 17.44
N ASN A 933 -25.96 -18.58 17.52
CA ASN A 933 -25.24 -17.33 17.28
C ASN A 933 -25.62 -16.24 18.27
N ASP A 934 -25.62 -16.59 19.55
CA ASP A 934 -25.63 -15.58 20.61
C ASP A 934 -24.36 -15.76 21.46
N ILE A 935 -23.88 -14.70 22.07
CA ILE A 935 -22.55 -14.68 22.67
C ILE A 935 -22.52 -15.45 23.98
N ILE A 936 -21.66 -16.45 24.08
CA ILE A 936 -21.50 -17.14 25.35
C ILE A 936 -20.32 -16.54 26.13
N GLU A 937 -19.73 -17.33 27.03
CA GLU A 937 -18.72 -16.81 27.95
C GLU A 937 -17.43 -16.45 27.20
N LEU A 938 -16.83 -17.45 26.55
CA LEU A 938 -15.60 -17.27 25.76
C LEU A 938 -15.61 -16.04 24.83
N LYS A 939 -16.79 -15.72 24.31
CA LYS A 939 -16.97 -14.53 23.47
C LYS A 939 -17.22 -13.29 24.33
N GLY A 940 -16.76 -13.38 25.58
CA GLY A 940 -16.55 -12.24 26.43
C GLY A 940 -15.05 -12.07 26.55
N ARG A 941 -14.35 -13.21 26.48
CA ARG A 941 -12.88 -13.25 26.51
C ARG A 941 -12.29 -12.85 25.17
N VAL A 942 -13.09 -12.14 24.39
CA VAL A 942 -12.62 -11.50 23.18
C VAL A 942 -13.42 -10.21 23.01
N ALA A 943 -14.67 -10.37 22.55
CA ALA A 943 -15.55 -9.32 22.04
C ALA A 943 -15.27 -7.87 22.45
N CYS A 944 -14.67 -7.66 23.61
CA CYS A 944 -14.44 -6.32 24.15
C CYS A 944 -13.06 -5.76 23.83
N GLU A 945 -12.22 -6.60 23.23
CA GLU A 945 -10.81 -6.29 22.93
C GLU A 945 -10.52 -5.22 21.86
N ILE A 946 -10.51 -5.68 20.60
CA ILE A 946 -10.18 -4.91 19.39
C ILE A 946 -8.66 -4.81 19.11
N SER A 947 -7.81 -4.78 20.15
CA SER A 947 -6.34 -4.77 19.98
C SER A 947 -5.74 -6.18 19.95
N SER A 948 -6.55 -7.12 19.47
CA SER A 948 -6.23 -8.54 19.53
C SER A 948 -5.02 -8.96 18.70
N GLY A 949 -3.99 -9.48 19.36
CA GLY A 949 -3.00 -10.25 18.66
C GLY A 949 -3.61 -11.64 18.45
N ASP A 950 -4.53 -11.74 17.48
CA ASP A 950 -5.35 -12.93 17.27
C ASP A 950 -6.11 -13.17 18.57
N GLU A 951 -7.36 -12.72 18.64
CA GLU A 951 -8.13 -12.87 19.89
C GLU A 951 -8.48 -14.32 20.30
N LEU A 952 -8.47 -15.24 19.34
CA LEU A 952 -8.87 -16.64 19.57
C LEU A 952 -7.74 -17.61 19.93
N LEU A 953 -6.51 -17.40 19.47
CA LEU A 953 -5.42 -18.21 20.01
C LEU A 953 -5.07 -17.69 21.41
N LEU A 954 -5.34 -16.41 21.64
CA LEU A 954 -5.02 -15.82 22.92
C LEU A 954 -6.09 -16.11 23.98
N THR A 955 -7.35 -16.24 23.57
CA THR A 955 -8.41 -16.61 24.51
C THR A 955 -8.26 -18.09 24.90
N GLU A 956 -7.77 -18.90 23.97
CA GLU A 956 -7.64 -20.36 24.16
C GLU A 956 -6.41 -20.79 24.97
N LEU A 957 -5.34 -20.02 24.90
CA LEU A 957 -4.17 -20.34 25.71
C LEU A 957 -4.46 -19.99 27.19
N ILE A 958 -5.36 -19.05 27.43
CA ILE A 958 -5.70 -18.66 28.80
C ILE A 958 -6.38 -19.80 29.53
N PHE A 959 -7.38 -20.37 28.87
CA PHE A 959 -8.16 -21.46 29.45
C PHE A 959 -7.41 -22.79 29.29
N ASN A 960 -6.10 -22.76 29.58
CA ASN A 960 -5.23 -23.93 29.39
C ASN A 960 -3.83 -23.82 30.05
N GLY A 961 -3.07 -22.75 29.76
CA GLY A 961 -1.65 -22.68 30.14
C GLY A 961 -1.20 -21.62 31.15
N ASN A 962 -1.14 -22.01 32.43
CA ASN A 962 -0.73 -21.14 33.54
C ASN A 962 0.78 -21.24 33.84
N PHE A 963 1.56 -20.48 33.08
CA PHE A 963 3.02 -20.58 33.07
C PHE A 963 3.70 -19.97 34.29
N ASN A 964 4.98 -19.68 34.13
CA ASN A 964 5.82 -19.09 35.18
C ASN A 964 5.91 -17.58 35.06
N GLU A 965 7.13 -17.06 34.97
CA GLU A 965 7.37 -15.62 34.89
C GLU A 965 8.44 -15.27 33.85
N LEU A 966 9.46 -16.13 33.76
CA LEU A 966 10.59 -15.92 32.85
C LEU A 966 10.30 -16.40 31.42
N LYS A 967 9.37 -17.35 31.31
CA LYS A 967 8.95 -17.93 30.03
C LYS A 967 7.79 -17.25 29.28
N PRO A 968 6.79 -16.65 29.97
CA PRO A 968 5.68 -16.08 29.20
C PRO A 968 5.96 -14.77 28.44
N GLU A 969 7.23 -14.44 28.20
CA GLU A 969 7.54 -13.36 27.27
C GLU A 969 7.28 -13.80 25.83
N GLN A 970 6.75 -15.02 25.72
CA GLN A 970 6.36 -15.64 24.45
C GLN A 970 5.15 -14.96 23.81
N ALA A 971 4.78 -13.80 24.33
CA ALA A 971 3.78 -12.94 23.69
C ALA A 971 4.47 -12.12 22.59
N ALA A 972 5.80 -12.08 22.67
CA ALA A 972 6.64 -11.65 21.56
C ALA A 972 6.35 -12.47 20.32
N ALA A 973 5.92 -13.72 20.52
CA ALA A 973 5.63 -14.61 19.40
C ALA A 973 4.36 -14.23 18.64
N LEU A 974 3.47 -13.47 19.24
CA LEU A 974 2.24 -13.15 18.55
C LEU A 974 2.19 -11.67 18.25
N LEU A 975 2.87 -10.85 19.06
CA LEU A 975 2.79 -9.40 18.83
C LEU A 975 4.03 -8.72 18.20
N SER A 976 4.97 -9.52 17.71
CA SER A 976 6.10 -8.98 16.95
C SER A 976 6.06 -9.55 15.54
N CYS A 977 5.82 -8.67 14.57
CA CYS A 977 5.50 -9.08 13.22
C CYS A 977 6.29 -8.33 12.14
N LEU A 994 17.03 -23.19 23.41
CA LEU A 994 17.22 -22.73 24.78
C LEU A 994 15.89 -22.45 25.48
N ALA A 995 15.49 -23.40 26.35
CA ALA A 995 14.24 -23.38 27.15
C ALA A 995 13.04 -22.73 26.46
N GLU A 996 12.15 -23.55 25.92
CA GLU A 996 11.05 -23.05 25.12
C GLU A 996 9.72 -23.75 25.40
N PRO A 997 8.69 -22.98 25.79
CA PRO A 997 7.31 -23.46 25.82
C PRO A 997 6.54 -23.01 24.58
N LEU A 998 7.22 -22.92 23.43
CA LEU A 998 6.59 -22.43 22.19
C LEU A 998 5.91 -23.54 21.40
N LYS A 999 5.80 -24.71 22.03
CA LYS A 999 5.09 -25.84 21.43
C LYS A 999 3.65 -25.93 21.94
N ALA A 1000 3.36 -25.23 23.05
CA ALA A 1000 2.02 -25.18 23.61
C ALA A 1000 1.12 -24.25 22.81
N MET A 1001 1.71 -23.25 22.15
CA MET A 1001 0.92 -22.41 21.27
C MET A 1001 0.78 -23.11 19.91
N ARG A 1002 1.80 -23.88 19.53
CA ARG A 1002 1.85 -24.52 18.22
C ARG A 1002 1.01 -25.81 18.16
N GLU A 1003 0.82 -26.44 19.32
CA GLU A 1003 -0.05 -27.62 19.38
C GLU A 1003 -1.51 -27.17 19.41
N ILE A 1004 -1.70 -25.96 19.90
CA ILE A 1004 -3.01 -25.34 20.05
C ILE A 1004 -3.42 -24.61 18.78
N ALA A 1005 -2.44 -24.00 18.12
CA ALA A 1005 -2.68 -23.27 16.88
C ALA A 1005 -3.21 -24.17 15.77
N ALA A 1006 -2.48 -25.24 15.46
CA ALA A 1006 -2.81 -26.10 14.32
C ALA A 1006 -4.20 -26.72 14.48
N LYS A 1007 -4.58 -26.99 15.72
CA LYS A 1007 -5.94 -27.43 16.03
C LYS A 1007 -6.92 -26.31 15.72
N ILE A 1008 -6.63 -25.11 16.22
CA ILE A 1008 -7.43 -23.93 15.89
C ILE A 1008 -7.40 -23.74 14.39
N ALA A 1009 -6.25 -24.05 13.82
CA ALA A 1009 -6.02 -23.90 12.39
C ALA A 1009 -6.64 -25.06 11.60
N LYS A 1010 -6.86 -26.20 12.27
CA LYS A 1010 -7.59 -27.28 11.65
C LYS A 1010 -9.06 -26.89 11.58
N ILE A 1011 -9.50 -26.12 12.56
CA ILE A 1011 -10.86 -25.63 12.59
C ILE A 1011 -11.09 -24.65 11.47
N MET A 1012 -10.17 -23.69 11.39
CA MET A 1012 -10.17 -22.74 10.29
C MET A 1012 -10.03 -23.46 8.96
N LYS A 1013 -9.42 -24.65 8.97
CA LYS A 1013 -9.48 -25.52 7.80
C LYS A 1013 -10.82 -26.30 7.78
N ASP A 1014 -11.29 -26.74 8.95
CA ASP A 1014 -12.54 -27.50 9.05
C ASP A 1014 -13.76 -26.67 8.67
N SER A 1015 -13.77 -25.40 9.07
CA SER A 1015 -14.89 -24.54 8.74
C SER A 1015 -14.72 -23.94 7.34
N LYS A 1016 -13.67 -24.40 6.65
CA LYS A 1016 -13.37 -24.08 5.25
C LYS A 1016 -12.87 -22.65 5.01
N ILE A 1017 -12.11 -22.10 5.95
CA ILE A 1017 -11.57 -20.75 5.78
C ILE A 1017 -10.23 -20.83 5.03
N GLU A 1018 -9.11 -20.55 5.69
CA GLU A 1018 -7.85 -20.38 4.96
C GLU A 1018 -6.89 -21.57 5.07
N VAL A 1019 -5.82 -21.43 5.85
CA VAL A 1019 -4.85 -22.51 6.00
C VAL A 1019 -4.38 -22.73 7.43
N VAL A 1020 -4.37 -24.02 7.79
CA VAL A 1020 -3.62 -24.52 8.93
C VAL A 1020 -2.14 -24.51 8.59
N GLU A 1021 -1.71 -25.60 7.96
CA GLU A 1021 -0.34 -25.86 7.52
C GLU A 1021 0.66 -24.74 7.80
N LYS A 1022 1.59 -25.03 8.71
CA LYS A 1022 2.74 -24.15 9.04
C LYS A 1022 2.50 -22.63 9.03
N ASP A 1023 1.82 -22.11 8.00
CA ASP A 1023 1.59 -20.67 7.85
C ASP A 1023 0.71 -20.09 8.96
N TYR A 1024 -0.24 -20.89 9.47
CA TYR A 1024 -1.00 -20.49 10.65
C TYR A 1024 -0.18 -20.77 11.91
N VAL A 1025 0.55 -21.89 11.90
CA VAL A 1025 1.42 -22.27 13.00
C VAL A 1025 2.63 -21.33 13.13
N GLU A 1026 3.19 -20.91 12.00
CA GLU A 1026 4.30 -19.94 11.99
C GLU A 1026 3.79 -18.51 11.82
N SER A 1027 2.47 -18.34 11.78
CA SER A 1027 1.86 -17.02 11.85
C SER A 1027 2.30 -16.30 13.11
N PHE A 1028 2.63 -17.10 14.12
CA PHE A 1028 3.06 -16.57 15.39
C PHE A 1028 4.56 -16.87 15.50
N ARG A 1029 5.34 -15.79 15.50
CA ARG A 1029 6.74 -15.79 15.06
C ARG A 1029 7.80 -16.05 16.13
N HIS A 1030 8.64 -17.06 15.87
CA HIS A 1030 9.72 -17.45 16.77
C HIS A 1030 10.95 -16.57 16.60
N GLU A 1031 11.01 -15.87 15.46
CA GLU A 1031 12.12 -14.99 15.05
C GLU A 1031 12.72 -14.16 16.21
N LEU A 1032 11.94 -13.23 16.76
CA LEU A 1032 12.35 -12.44 17.92
C LEU A 1032 11.61 -12.88 19.16
N MET A 1033 11.57 -14.19 19.39
CA MET A 1033 10.98 -14.70 20.62
C MET A 1033 12.00 -14.70 21.76
N GLU A 1034 13.30 -14.88 21.48
CA GLU A 1034 14.21 -14.99 22.63
C GLU A 1034 14.80 -13.63 22.99
N VAL A 1035 14.61 -12.65 22.09
CA VAL A 1035 15.06 -11.29 22.33
C VAL A 1035 14.17 -10.57 23.36
N VAL A 1036 12.87 -10.50 23.08
CA VAL A 1036 11.92 -9.91 24.02
C VAL A 1036 11.86 -10.74 25.30
N TYR A 1037 12.32 -11.98 25.19
CA TYR A 1037 12.38 -12.91 26.32
C TYR A 1037 13.44 -12.52 27.36
N GLU A 1038 14.58 -12.04 26.87
CA GLU A 1038 15.68 -11.64 27.75
C GLU A 1038 15.41 -10.26 28.35
N TRP A 1039 14.60 -9.46 27.65
CA TRP A 1039 14.17 -8.15 28.14
C TRP A 1039 13.29 -8.28 29.39
N CYS A 1040 12.67 -9.45 29.54
CA CYS A 1040 11.85 -9.77 30.70
C CYS A 1040 12.74 -10.01 31.92
N ARG A 1041 14.03 -10.22 31.70
CA ARG A 1041 14.99 -10.42 32.79
C ARG A 1041 15.78 -9.13 33.01
N GLY A 1042 15.36 -8.08 32.30
CA GLY A 1042 15.97 -6.77 32.40
C GLY A 1042 16.75 -6.37 31.16
N THR A 1044 19.98 -4.69 29.85
CA THR A 1044 20.01 -3.25 29.58
C THR A 1044 19.22 -2.89 28.32
N PHE A 1045 18.92 -1.61 28.15
CA PHE A 1045 18.32 -1.14 26.89
C PHE A 1045 19.38 -1.26 25.80
N THR A 1046 20.62 -1.01 26.20
CA THR A 1046 21.78 -1.05 25.30
C THR A 1046 22.27 -2.48 25.05
N GLN A 1047 21.90 -3.40 25.93
CA GLN A 1047 22.31 -4.79 25.80
C GLN A 1047 21.39 -5.53 24.83
N ILE A 1048 20.09 -5.37 25.06
CA ILE A 1048 19.05 -6.01 24.24
C ILE A 1048 19.23 -5.61 22.79
N CYS A 1049 19.65 -4.37 22.53
CA CYS A 1049 19.84 -3.89 21.16
C CYS A 1049 21.08 -4.51 20.52
N LYS A 1050 21.81 -5.30 21.32
CA LYS A 1050 22.98 -6.04 20.84
C LYS A 1050 22.65 -7.51 20.59
N MET A 1051 21.39 -7.88 20.73
CA MET A 1051 20.97 -9.28 20.62
C MET A 1051 20.40 -9.67 19.26
N THR A 1052 20.12 -8.69 18.40
CA THR A 1052 19.60 -8.97 17.06
C THR A 1052 19.89 -7.83 16.06
N ASP A 1053 18.85 -7.30 15.42
CA ASP A 1053 18.99 -6.20 14.45
C ASP A 1053 17.65 -5.52 14.12
N VAL A 1054 17.05 -4.89 15.13
CA VAL A 1054 15.80 -4.15 14.95
C VAL A 1054 15.92 -2.73 15.52
N TYR A 1055 15.44 -1.76 14.75
CA TYR A 1055 15.61 -0.34 15.10
C TYR A 1055 14.96 0.04 16.43
N GLU A 1056 15.58 1.01 17.10
CA GLU A 1056 15.11 1.54 18.38
C GLU A 1056 13.83 2.39 18.28
N GLY A 1057 13.00 2.09 17.30
CA GLY A 1057 11.70 2.72 17.18
C GLY A 1057 10.71 1.60 17.06
N SER A 1058 11.26 0.43 16.76
CA SER A 1058 10.52 -0.82 16.84
C SER A 1058 10.18 -1.12 18.30
N LEU A 1059 10.94 -0.50 19.21
CA LEU A 1059 10.76 -0.77 20.62
C LEU A 1059 9.51 -0.05 21.17
N ILE A 1060 9.41 1.29 21.07
CA ILE A 1060 8.25 2.02 21.64
C ILE A 1060 6.92 1.70 20.93
N ARG A 1061 6.99 0.94 19.85
CA ARG A 1061 5.78 0.44 19.20
C ARG A 1061 5.40 -0.91 19.82
N MET A 1062 6.30 -1.90 19.67
CA MET A 1062 6.14 -3.26 20.22
C MET A 1062 6.17 -3.31 21.76
N PHE A 1063 6.90 -2.39 22.37
CA PHE A 1063 6.78 -2.23 23.81
C PHE A 1063 5.35 -1.86 24.04
N LYS A 1064 4.85 -0.80 23.40
CA LYS A 1064 3.44 -0.51 23.62
C LYS A 1064 2.51 -1.46 22.84
N ARG A 1065 3.08 -2.40 22.08
CA ARG A 1065 2.27 -3.40 21.31
C ARG A 1065 2.30 -4.81 21.90
N LEU A 1066 3.38 -5.18 22.57
CA LEU A 1066 3.37 -6.41 23.38
C LEU A 1066 2.72 -6.14 24.73
N GLU A 1067 2.95 -4.95 25.25
CA GLU A 1067 2.32 -4.52 26.48
C GLU A 1067 0.84 -4.30 26.25
N GLU A 1068 0.43 -3.41 25.35
CA GLU A 1068 -1.02 -3.15 25.25
C GLU A 1068 -1.89 -4.39 24.89
N LEU A 1069 -1.22 -5.47 24.47
CA LEU A 1069 -1.86 -6.77 24.33
C LEU A 1069 -2.09 -7.42 25.69
N VAL A 1070 -1.03 -7.47 26.49
CA VAL A 1070 -1.09 -8.03 27.83
C VAL A 1070 -2.02 -7.20 28.76
N LYS A 1071 -2.13 -5.88 28.52
CA LYS A 1071 -2.75 -4.94 29.48
C LYS A 1071 -3.97 -4.09 29.08
N GLU A 1072 -5.13 -4.71 28.87
CA GLU A 1072 -6.44 -4.01 28.81
C GLU A 1072 -7.47 -5.06 29.27
N LEU A 1073 -7.09 -5.66 30.40
CA LEU A 1073 -7.71 -6.84 31.00
C LEU A 1073 -7.45 -6.78 32.49
N ASP A 1075 -9.42 -3.08 32.08
CA ASP A 1075 -10.80 -2.66 31.76
C ASP A 1075 -11.65 -3.77 31.11
N VAL A 1076 -12.97 -3.58 31.22
CA VAL A 1076 -14.09 -4.49 30.84
C VAL A 1076 -14.36 -5.58 31.89
N ALA A 1077 -15.18 -5.22 32.88
CA ALA A 1077 -15.49 -6.06 34.04
C ALA A 1077 -16.21 -7.34 33.65
N THR A 1079 -13.37 -9.92 35.93
CA THR A 1079 -12.45 -9.95 37.07
C THR A 1079 -11.40 -11.08 36.87
N ILE A 1080 -11.65 -12.26 37.44
CA ILE A 1080 -10.80 -13.43 37.15
C ILE A 1080 -10.79 -13.74 35.65
N ASN A 1082 -8.29 -16.64 36.63
CA ASN A 1082 -7.16 -17.53 36.84
C ASN A 1082 -6.01 -16.86 37.60
N SER A 1083 -6.37 -16.05 38.60
CA SER A 1083 -5.48 -15.54 39.66
C SER A 1083 -3.99 -15.53 39.36
N SER A 1084 -3.42 -16.72 39.28
CA SER A 1084 -1.99 -16.91 39.01
C SER A 1084 -1.57 -16.12 37.77
N LEU A 1085 -2.52 -15.91 36.86
CA LEU A 1085 -2.35 -15.00 35.72
C LEU A 1085 -2.29 -13.55 36.18
N LYS A 1086 -3.41 -13.05 36.70
CA LYS A 1086 -3.62 -11.63 37.00
C LYS A 1086 -2.58 -10.98 37.94
N GLU A 1087 -1.72 -11.82 38.51
CA GLU A 1087 -0.72 -11.36 39.47
C GLU A 1087 0.69 -11.46 38.87
N LYS A 1088 1.09 -12.67 38.48
CA LYS A 1088 2.39 -12.90 37.85
C LYS A 1088 2.53 -12.11 36.55
N MET A 1089 1.41 -11.58 36.07
CA MET A 1089 1.41 -10.76 34.87
C MET A 1089 1.47 -9.25 35.16
N GLU A 1090 0.97 -8.81 36.32
CA GLU A 1090 1.15 -7.41 36.67
C GLU A 1090 2.65 -7.24 36.83
N ALA A 1091 3.28 -8.30 37.30
CA ALA A 1091 4.73 -8.43 37.35
C ALA A 1091 5.29 -8.42 35.94
N VAL A 1092 4.64 -9.17 35.05
CA VAL A 1092 5.02 -9.26 33.65
C VAL A 1092 4.93 -7.87 33.01
N LEU A 1093 4.06 -7.02 33.56
CA LEU A 1093 3.91 -5.65 33.06
C LEU A 1093 4.90 -4.67 33.72
N LYS A 1094 5.45 -5.07 34.86
CA LYS A 1094 6.38 -4.21 35.60
C LYS A 1094 7.83 -4.43 35.18
N LEU A 1095 8.14 -5.64 34.72
CA LEU A 1095 9.49 -6.01 34.34
C LEU A 1095 9.90 -5.46 32.97
N ILE A 1096 9.00 -4.71 32.34
CA ILE A 1096 9.34 -4.13 31.05
C ILE A 1096 8.99 -2.64 30.95
N HIS A 1097 7.96 -2.18 31.68
CA HIS A 1097 7.53 -0.77 31.60
C HIS A 1097 8.64 0.13 32.13
N ARG A 1098 9.14 -0.20 33.32
CA ARG A 1098 10.13 0.60 34.04
C ARG A 1098 11.53 0.62 33.38
N ASP A 1099 11.75 -0.25 32.40
CA ASP A 1099 13.06 -0.33 31.76
C ASP A 1099 13.18 0.78 30.71
N ILE A 1100 12.04 1.43 30.46
CA ILE A 1100 11.97 2.62 29.64
C ILE A 1100 10.69 3.35 30.13
N VAL A 1101 10.79 3.81 31.37
CA VAL A 1101 9.67 4.06 32.31
C VAL A 1101 8.49 4.89 31.79
N SER A 1102 8.46 6.15 32.21
CA SER A 1102 7.45 7.10 31.77
C SER A 1102 7.59 7.35 30.27
N ALA A 1103 6.93 6.50 29.48
CA ALA A 1103 6.90 6.60 28.02
C ALA A 1103 6.72 8.07 27.67
N GLY A 1104 5.58 8.62 28.08
CA GLY A 1104 5.32 10.06 28.11
C GLY A 1104 5.75 10.93 26.93
N SER A 1105 4.78 11.30 26.09
CA SER A 1105 5.08 12.10 24.89
C SER A 1105 3.89 12.94 24.38
N LEU A 1106 3.83 14.20 24.82
CA LEU A 1106 2.78 15.14 24.41
C LEU A 1106 3.36 16.41 23.78
N TYR A 1107 2.63 17.01 22.83
CA TYR A 1107 2.94 18.36 22.32
C TYR A 1107 1.81 18.94 21.47
P PO4 B . -1.21 13.04 5.59
O1 PO4 B . -0.55 14.01 6.56
O2 PO4 B . -0.47 11.71 5.63
O3 PO4 B . -2.67 12.86 5.92
O4 PO4 B . -1.17 13.58 4.19
P PO4 C . 10.14 2.81 6.68
O1 PO4 C . 8.99 3.10 5.76
O2 PO4 C . 9.62 2.13 7.93
O3 PO4 C . 11.11 1.89 5.94
O4 PO4 C . 10.81 4.11 7.10
P PO4 D . -5.89 -38.98 -16.37
O1 PO4 D . -6.41 -37.69 -16.97
O2 PO4 D . -6.59 -39.31 -15.06
O3 PO4 D . -6.12 -40.10 -17.37
O4 PO4 D . -4.40 -38.82 -16.10
#